data_4CZZ
#
_entry.id   4CZZ
#
_cell.length_a   118.040
_cell.length_b   177.440
_cell.length_c   235.790
_cell.angle_alpha   90.00
_cell.angle_beta   90.00
_cell.angle_gamma   90.00
#
_symmetry.space_group_name_H-M   'I 2 2 2'
#
loop_
_entity.id
_entity.type
_entity.pdbx_description
1 polymer 'LYSINE-SPECIFIC HISTONE DEMETHYLASE 1A'
2 polymer 'REST COREPRESSOR 3'
3 non-polymer 'FLAVIN-ADENINE DINUCLEOTIDE'
#
loop_
_entity_poly.entity_id
_entity_poly.type
_entity_poly.pdbx_seq_one_letter_code
_entity_poly.pdbx_strand_id
1 'polypeptide(L)'
;MLSGKKAAAAAAAAAAAATGTEAGPGTAGGSENGSEVAAQPAGLSGPAEVGPGAVGERTPRKKEPPRASPPGGLAEPPGS
AGPQAGPTVVPGSATPMETGIAETPEGRRTSRRKRAKVEYREMDESLANLSEDEYYSEEERNAKAEKEKKLPPPPPQAPP
EEENESEPEEPSGQAGGLQDDSSGGYGDGQPSGVEGAAFQSRLPHDRMTSQEAACFPDIISGPQQTQKVFLFIRNRTLQL
WLDNPKIQLTFEATLQQLEAPYNSDTVLVHRVHSYLERHGLINFGIYKRIKPLPTKKTGKVIIIGSGVSGLAAARQLQSF
GMDVTLLEARDRVGGRVATFRKGNYVADLGAMVVTGLGGNPMAVVSKQVNMELAKIKQKCPLYEANGQAVPKEKDEMVEQ
EFNRLLEATSYLSHQLDFNVLNNKPVSLGQALEVVIQLQEKHVKDEQIEHWKKIVKTQEELKELLNKMVNLKEKIKELHQ
QYKEASEVKPPRDITAEFLVKSKHRDLTALCKEYDELAETQGKLEEKLQELEANPPSDVYLSSRDRQILDWHFANLEFAN
ATPLSTLSLKHWDQDDDFEFTGSHLTVRNGYSCVPVALAEGLDIKLNTAVRQVRYTASGCEVIAVNTRSTSQTFIYKCDA
VLCTLPLGVLKQQPPAVQFVPPLPEWKTSAVQRMGFGNLNKVVLCFDRVFWDPSVNLFGHVGSTTASRGELFLFWNLYKA
PILLALVAGEAAGIMENISDDVIVGRCLAILKGIFGSSAVPQPKETVVSRWRADPWARGSYSYVAAGSSGNDYDLMAQPI
TPGPSIPGAPQPIPRLFFAGEHTIRNYPATVHGALLSGLREAGRIADQFLGAMYTLPRQATPGVPAQQSPSM
;
A
2 'polypeptide(L)'
;MPGMMEKGPELLGKNRSANGSAKSPAGGGGSGASSTNGGLHYSEPESGCSSDDEHDVGMRVGAEYQARIPEFDPGATKYT
DKDNGGMLVWSPYHSIPDAKLDEYIAIAKEKHGYNVEQALGMLFWHKHNIEKSLADLPNFTPFPDEWTVEDKVLFEQAFS
FHGKSFHRIQQMLPDKTIASLVKYYYSWKKTRSRTSLMDRQARKLANRHNQGDSDDDVEETHPMDGNDSDYDPKKEAKKE
GNTEQPVQTSKIGLGRREYQSLQHRHHSQRSKCRPPKGMYLTQEDVVAVSCSPNAANTILRQLDMELISLKRQVQNAKQV
NSALKQKMEGGIEEFKPPESNQKINARWTTEEQLLAVQGVRKYGKDFQAIADVIGNKTVGQVKNFFVNYRRRFNLEEVLQ
EWEAEQGTQASNGDASTLGEETKSASNVPSGKSTDEEEEAQTPQAPRTLGPSPPAPSSTPTPTAPIATLNQPPPLLRPTL
PAAPALHRQPPPLQQQARFIQPRPTLNQPPPPLIRPANSMPPRLNPRPVLSTVGGQQPPSLIGIQTDSQSSLH
;
B
#
# COMPACT_ATOMS: atom_id res chain seq x y z
N PRO A 191 19.62 -10.49 -18.54
CA PRO A 191 20.56 -10.28 -19.67
C PRO A 191 21.55 -11.46 -19.90
N SER A 192 22.36 -11.39 -20.97
CA SER A 192 23.29 -12.50 -21.29
C SER A 192 24.78 -12.08 -21.47
N GLY A 193 25.64 -13.05 -21.20
CA GLY A 193 27.06 -12.89 -21.42
C GLY A 193 27.71 -12.12 -20.29
N VAL A 194 28.46 -11.08 -20.63
CA VAL A 194 29.20 -10.34 -19.62
C VAL A 194 28.29 -9.38 -18.90
N GLU A 195 27.33 -8.76 -19.59
CA GLU A 195 26.38 -7.90 -18.90
C GLU A 195 25.55 -8.69 -17.90
N GLY A 196 25.33 -9.97 -18.18
CA GLY A 196 24.62 -10.87 -17.26
C GLY A 196 25.27 -10.92 -15.90
N ALA A 197 26.59 -11.14 -15.93
CA ALA A 197 27.43 -11.14 -14.74
C ALA A 197 27.41 -9.82 -13.95
N ALA A 198 27.40 -8.68 -14.64
CA ALA A 198 27.37 -7.40 -13.94
C ALA A 198 26.07 -7.26 -13.15
N PHE A 199 25.02 -7.75 -13.79
CA PHE A 199 23.73 -7.66 -13.22
C PHE A 199 23.69 -8.67 -12.09
N GLN A 200 24.12 -9.89 -12.36
CA GLN A 200 24.01 -10.94 -11.36
C GLN A 200 24.93 -10.62 -10.16
N SER A 201 25.81 -9.65 -10.33
CA SER A 201 26.66 -9.14 -9.26
C SER A 201 26.22 -7.75 -8.76
N ARG A 202 24.98 -7.38 -9.04
CA ARG A 202 24.42 -6.14 -8.57
C ARG A 202 25.22 -4.93 -9.00
N LEU A 203 25.79 -4.99 -10.20
CA LEU A 203 26.54 -3.83 -10.75
C LEU A 203 26.08 -3.38 -12.11
N PRO A 204 26.11 -2.07 -12.36
CA PRO A 204 25.76 -1.56 -13.68
C PRO A 204 26.85 -1.92 -14.65
N HIS A 205 26.54 -2.71 -15.68
CA HIS A 205 27.53 -3.17 -16.68
C HIS A 205 28.21 -2.03 -17.45
N ASP A 206 27.56 -0.88 -17.60
CA ASP A 206 28.07 0.16 -18.48
C ASP A 206 28.64 1.37 -17.76
N ARG A 207 28.90 1.22 -16.48
CA ARG A 207 29.30 2.36 -15.69
C ARG A 207 30.13 1.92 -14.49
N MET A 208 31.13 2.72 -14.13
CA MET A 208 31.92 2.40 -12.95
C MET A 208 31.16 2.92 -11.71
N THR A 209 31.16 2.08 -10.66
CA THR A 209 30.48 2.36 -9.37
C THR A 209 31.29 3.28 -8.49
N SER A 210 30.73 3.78 -7.40
CA SER A 210 31.50 4.69 -6.52
C SER A 210 32.71 4.00 -5.84
N GLN A 211 32.45 2.78 -5.43
CA GLN A 211 33.47 1.85 -4.99
C GLN A 211 34.65 1.68 -5.97
N GLU A 212 34.33 1.62 -7.26
CA GLU A 212 35.34 1.43 -8.26
C GLU A 212 36.09 2.72 -8.43
N ALA A 213 35.37 3.82 -8.54
CA ALA A 213 35.98 5.16 -8.57
C ALA A 213 37.03 5.40 -7.48
N ALA A 214 36.72 4.91 -6.31
CA ALA A 214 37.58 5.08 -5.18
C ALA A 214 38.89 4.34 -5.33
N CYS A 215 38.84 3.11 -5.85
CA CYS A 215 40.05 2.31 -6.11
C CYS A 215 40.77 2.50 -7.46
N PHE A 216 40.10 3.08 -8.43
CA PHE A 216 40.64 3.24 -9.76
C PHE A 216 40.42 4.68 -10.20
N PRO A 217 40.86 5.63 -9.38
CA PRO A 217 40.58 7.04 -9.67
C PRO A 217 41.24 7.48 -10.92
N ASP A 218 42.38 6.86 -11.22
CA ASP A 218 43.08 7.11 -12.48
C ASP A 218 42.14 6.84 -13.64
N ILE A 219 41.42 5.74 -13.59
CA ILE A 219 40.63 5.29 -14.73
C ILE A 219 39.36 6.08 -14.97
N ILE A 220 38.63 6.27 -13.91
CA ILE A 220 37.38 7.00 -14.00
C ILE A 220 37.63 8.50 -14.21
N SER A 221 38.77 9.05 -13.82
CA SER A 221 39.03 10.44 -14.19
C SER A 221 39.55 10.44 -15.60
N GLY A 222 40.02 9.27 -16.02
CA GLY A 222 40.61 9.04 -17.33
C GLY A 222 39.63 9.05 -18.47
N PRO A 223 40.11 8.81 -19.67
CA PRO A 223 39.29 8.90 -20.85
C PRO A 223 38.33 7.70 -21.07
N GLN A 224 37.15 7.98 -21.61
CA GLN A 224 36.14 6.95 -21.85
C GLN A 224 36.67 5.58 -22.27
N GLN A 225 37.65 5.56 -23.16
CA GLN A 225 38.05 4.29 -23.74
C GLN A 225 38.52 3.34 -22.65
N THR A 226 39.43 3.81 -21.79
CA THR A 226 39.95 2.95 -20.73
C THR A 226 38.82 2.48 -19.82
N GLN A 227 37.82 3.34 -19.56
CA GLN A 227 36.68 2.91 -18.73
C GLN A 227 36.00 1.66 -19.31
N LYS A 228 35.80 1.66 -20.63
CA LYS A 228 35.10 0.55 -21.24
C LYS A 228 35.94 -0.70 -21.13
N VAL A 229 37.24 -0.50 -21.22
CA VAL A 229 38.14 -1.63 -21.07
C VAL A 229 37.93 -2.16 -19.66
N PHE A 230 38.17 -1.28 -18.71
CA PHE A 230 38.11 -1.63 -17.32
C PHE A 230 36.83 -2.40 -17.03
N LEU A 231 35.71 -1.88 -17.55
CA LEU A 231 34.42 -2.47 -17.29
C LEU A 231 34.42 -3.85 -17.86
N PHE A 232 34.65 -3.97 -19.17
CA PHE A 232 34.68 -5.29 -19.80
C PHE A 232 35.52 -6.26 -18.95
N ILE A 233 36.71 -5.82 -18.55
CA ILE A 233 37.62 -6.70 -17.83
C ILE A 233 36.94 -7.19 -16.55
N ARG A 234 36.30 -6.24 -15.86
CA ARG A 234 35.53 -6.52 -14.67
C ARG A 234 34.41 -7.54 -14.89
N ASN A 235 33.59 -7.28 -15.91
CA ASN A 235 32.34 -8.01 -16.12
C ASN A 235 32.74 -9.39 -16.59
N ARG A 236 33.78 -9.37 -17.41
CA ARG A 236 34.30 -10.58 -17.95
C ARG A 236 34.79 -11.44 -16.79
N THR A 237 35.70 -10.91 -16.00
CA THR A 237 36.10 -11.67 -14.83
C THR A 237 34.92 -12.19 -13.98
N LEU A 238 33.87 -11.38 -13.85
CA LEU A 238 32.74 -11.77 -13.03
C LEU A 238 32.16 -13.02 -13.57
N GLN A 239 31.84 -12.92 -14.87
CA GLN A 239 31.31 -14.02 -15.66
C GLN A 239 32.04 -15.28 -15.35
N LEU A 240 33.36 -15.24 -15.52
CA LEU A 240 34.17 -16.44 -15.39
C LEU A 240 33.95 -17.09 -14.03
N TRP A 241 33.95 -16.28 -12.97
CA TRP A 241 33.66 -16.75 -11.61
C TRP A 241 32.27 -17.38 -11.60
N LEU A 242 31.33 -16.58 -12.08
CA LEU A 242 29.95 -16.97 -12.02
C LEU A 242 29.65 -18.27 -12.73
N ASP A 243 30.35 -18.48 -13.85
CA ASP A 243 30.20 -19.70 -14.65
C ASP A 243 30.60 -20.95 -13.90
N ASN A 244 31.33 -20.78 -12.81
CA ASN A 244 31.82 -21.91 -12.09
C ASN A 244 32.29 -21.53 -10.70
N PRO A 245 31.35 -21.35 -9.78
CA PRO A 245 31.75 -20.86 -8.49
C PRO A 245 32.15 -21.97 -7.54
N LYS A 246 32.41 -23.18 -8.05
CA LYS A 246 32.91 -24.23 -7.17
C LYS A 246 34.46 -24.36 -7.20
N ILE A 247 35.12 -23.50 -8.01
CA ILE A 247 36.59 -23.47 -8.04
C ILE A 247 37.14 -22.04 -8.01
N GLN A 248 38.15 -21.85 -7.16
CA GLN A 248 38.77 -20.54 -7.03
C GLN A 248 39.13 -20.03 -8.40
N LEU A 249 38.86 -18.76 -8.69
CA LEU A 249 39.32 -18.13 -9.92
C LEU A 249 40.57 -17.33 -9.68
N THR A 250 41.65 -17.78 -10.31
CA THR A 250 42.99 -17.24 -10.11
C THR A 250 43.26 -16.17 -11.13
N PHE A 251 44.18 -15.29 -10.81
CA PHE A 251 44.52 -14.22 -11.73
C PHE A 251 44.99 -14.72 -13.08
N GLU A 252 45.80 -15.77 -13.00
CA GLU A 252 46.30 -16.54 -14.13
C GLU A 252 45.13 -16.98 -14.98
N ALA A 253 44.26 -17.82 -14.43
CA ALA A 253 43.09 -18.35 -15.17
C ALA A 253 42.30 -17.23 -15.86
N THR A 254 42.36 -16.04 -15.25
CA THR A 254 41.58 -14.91 -15.68
C THR A 254 42.20 -14.26 -16.89
N LEU A 255 43.52 -14.05 -16.81
CA LEU A 255 44.29 -13.41 -17.89
C LEU A 255 44.41 -14.34 -19.07
N GLN A 256 44.77 -15.59 -18.77
CA GLN A 256 44.60 -16.71 -19.69
C GLN A 256 43.34 -16.47 -20.55
N GLN A 257 42.17 -16.46 -19.93
CA GLN A 257 40.92 -16.42 -20.69
C GLN A 257 40.52 -15.10 -21.33
N LEU A 258 41.07 -13.98 -20.88
CA LEU A 258 40.89 -12.71 -21.61
C LEU A 258 41.58 -12.75 -22.98
N GLU A 259 40.95 -12.11 -23.97
CA GLU A 259 41.60 -11.89 -25.27
C GLU A 259 42.02 -10.43 -25.39
N ALA A 260 42.89 -10.13 -26.35
CA ALA A 260 43.25 -8.75 -26.61
C ALA A 260 42.07 -8.11 -27.33
N PRO A 261 42.01 -6.76 -27.37
CA PRO A 261 42.94 -5.78 -26.77
C PRO A 261 43.17 -5.89 -25.24
N TYR A 262 42.30 -6.61 -24.53
CA TYR A 262 42.15 -6.50 -23.07
C TYR A 262 43.29 -7.08 -22.23
N ASN A 263 43.82 -8.24 -22.61
CA ASN A 263 45.04 -8.79 -21.95
C ASN A 263 46.37 -8.13 -22.36
N SER A 264 46.29 -7.08 -23.18
CA SER A 264 47.44 -6.19 -23.34
C SER A 264 47.86 -5.56 -22.01
N ASP A 265 46.92 -4.98 -21.25
CA ASP A 265 47.30 -4.40 -19.95
C ASP A 265 47.20 -5.42 -18.85
N THR A 266 48.31 -6.02 -18.46
CA THR A 266 48.25 -7.13 -17.54
C THR A 266 48.36 -6.63 -16.10
N VAL A 267 48.68 -5.36 -15.86
CA VAL A 267 48.50 -4.84 -14.50
C VAL A 267 47.05 -4.47 -14.23
N LEU A 268 46.44 -3.72 -15.13
CA LEU A 268 45.01 -3.50 -15.02
C LEU A 268 44.24 -4.80 -14.72
N VAL A 269 44.41 -5.83 -15.54
CA VAL A 269 43.78 -7.12 -15.22
C VAL A 269 44.01 -7.55 -13.79
N HIS A 270 45.24 -7.45 -13.31
CA HIS A 270 45.55 -7.87 -11.93
C HIS A 270 44.83 -6.96 -10.92
N ARG A 271 45.01 -5.65 -11.08
CA ARG A 271 44.30 -4.66 -10.25
C ARG A 271 42.83 -5.01 -10.10
N VAL A 272 42.15 -5.14 -11.23
CA VAL A 272 40.76 -5.56 -11.25
C VAL A 272 40.54 -6.91 -10.58
N HIS A 273 41.20 -7.96 -11.05
CA HIS A 273 41.02 -9.26 -10.41
C HIS A 273 41.22 -9.16 -8.93
N SER A 274 42.15 -8.35 -8.49
CA SER A 274 42.45 -8.34 -7.06
C SER A 274 41.42 -7.60 -6.23
N TYR A 275 40.85 -6.58 -6.84
CA TYR A 275 39.77 -5.83 -6.23
C TYR A 275 38.52 -6.64 -6.09
N LEU A 276 38.25 -7.49 -7.06
CA LEU A 276 37.06 -8.30 -6.99
C LEU A 276 37.20 -9.33 -5.93
N GLU A 277 38.42 -9.80 -5.73
CA GLU A 277 38.64 -10.89 -4.83
C GLU A 277 38.44 -10.36 -3.41
N ARG A 278 38.89 -9.11 -3.24
CA ARG A 278 38.95 -8.47 -1.93
C ARG A 278 37.56 -8.20 -1.47
N HIS A 279 36.83 -7.55 -2.36
CA HIS A 279 35.48 -7.21 -2.05
C HIS A 279 34.51 -8.32 -2.32
N GLY A 280 35.03 -9.54 -2.35
CA GLY A 280 34.20 -10.74 -2.37
C GLY A 280 33.16 -10.81 -3.45
N LEU A 281 33.43 -10.15 -4.57
CA LEU A 281 32.58 -10.27 -5.71
C LEU A 281 32.88 -11.54 -6.46
N ILE A 282 34.03 -12.14 -6.17
CA ILE A 282 34.43 -13.43 -6.72
C ILE A 282 35.21 -14.18 -5.65
N ASN A 283 35.33 -15.49 -5.86
CA ASN A 283 35.90 -16.38 -4.86
C ASN A 283 35.37 -16.05 -3.48
N PHE A 284 34.04 -16.07 -3.37
CA PHE A 284 33.36 -16.01 -2.06
C PHE A 284 32.55 -17.26 -1.83
N GLY A 285 32.36 -17.60 -0.57
CA GLY A 285 31.52 -18.72 -0.23
C GLY A 285 32.31 -19.97 -0.03
N ILE A 286 31.85 -21.07 -0.64
CA ILE A 286 32.59 -22.34 -0.59
C ILE A 286 33.09 -22.81 -1.93
N TYR A 287 34.41 -22.63 -2.13
CA TYR A 287 35.08 -22.97 -3.37
C TYR A 287 36.21 -23.90 -3.07
N LYS A 288 36.66 -24.63 -4.10
CA LYS A 288 37.89 -25.43 -4.07
C LYS A 288 39.01 -24.45 -4.29
N ARG A 289 39.89 -24.37 -3.29
CA ARG A 289 41.05 -23.49 -3.38
C ARG A 289 42.06 -24.14 -4.28
N ILE A 290 42.52 -23.40 -5.28
CA ILE A 290 43.61 -23.86 -6.14
C ILE A 290 44.97 -23.72 -5.45
N LYS A 291 45.23 -22.57 -4.81
CA LYS A 291 46.52 -22.24 -4.18
C LYS A 291 46.57 -22.42 -2.67
N PRO A 292 46.73 -23.67 -2.16
CA PRO A 292 46.61 -23.89 -0.70
C PRO A 292 47.10 -22.71 0.17
N LEU A 293 46.47 -22.56 1.32
CA LEU A 293 46.59 -21.34 2.12
C LEU A 293 48.01 -20.96 2.50
N PRO A 294 48.39 -19.67 2.35
CA PRO A 294 49.59 -19.12 2.95
C PRO A 294 49.94 -19.74 4.29
N THR A 295 51.12 -20.34 4.32
CA THR A 295 51.68 -21.02 5.48
C THR A 295 51.39 -20.26 6.81
N LYS A 296 51.77 -18.97 6.80
CA LYS A 296 51.76 -18.14 8.00
C LYS A 296 50.80 -16.96 7.82
N LYS A 297 50.14 -16.64 8.91
CA LYS A 297 48.97 -15.80 8.88
C LYS A 297 49.34 -14.41 9.34
N THR A 298 48.71 -13.41 8.78
CA THR A 298 48.96 -12.06 9.22
C THR A 298 47.74 -11.45 9.86
N GLY A 299 47.92 -10.82 11.01
CA GLY A 299 46.83 -10.12 11.69
C GLY A 299 45.94 -11.09 12.44
N LYS A 300 45.31 -10.59 13.50
CA LYS A 300 44.36 -11.36 14.29
C LYS A 300 43.05 -10.60 14.46
N VAL A 301 41.94 -11.28 14.10
CA VAL A 301 40.60 -10.74 14.24
C VAL A 301 39.69 -11.62 15.02
N ILE A 302 38.99 -11.01 15.97
CA ILE A 302 37.95 -11.67 16.71
C ILE A 302 36.66 -11.19 16.14
N ILE A 303 35.80 -12.16 15.88
CA ILE A 303 34.48 -11.93 15.32
C ILE A 303 33.39 -12.38 16.25
N ILE A 304 32.51 -11.44 16.54
CA ILE A 304 31.39 -11.74 17.39
C ILE A 304 30.18 -12.16 16.60
N GLY A 305 29.78 -13.38 16.87
CA GLY A 305 28.57 -13.94 16.31
C GLY A 305 28.90 -14.83 15.15
N SER A 306 28.39 -16.06 15.20
CA SER A 306 28.52 -16.99 14.10
C SER A 306 27.29 -16.93 13.18
N GLY A 307 26.71 -15.73 13.01
CA GLY A 307 25.62 -15.55 12.08
C GLY A 307 26.08 -15.82 10.68
N VAL A 308 25.24 -15.61 9.69
CA VAL A 308 25.75 -15.65 8.33
C VAL A 308 26.71 -14.49 8.13
N SER A 309 26.34 -13.29 8.55
CA SER A 309 27.25 -12.17 8.34
C SER A 309 28.61 -12.57 8.95
N GLY A 310 28.62 -12.96 10.22
CA GLY A 310 29.87 -13.43 10.80
C GLY A 310 30.65 -14.44 9.93
N LEU A 311 30.02 -15.53 9.53
CA LEU A 311 30.71 -16.60 8.85
C LEU A 311 31.20 -16.11 7.53
N ALA A 312 30.38 -15.45 6.76
CA ALA A 312 30.88 -15.02 5.47
C ALA A 312 32.12 -14.17 5.65
N ALA A 313 32.16 -13.30 6.66
CA ALA A 313 33.35 -12.48 6.88
C ALA A 313 34.55 -13.36 7.21
N ALA A 314 34.34 -14.23 8.18
CA ALA A 314 35.39 -15.04 8.68
C ALA A 314 36.04 -15.95 7.61
N ARG A 315 35.25 -16.55 6.75
CA ARG A 315 35.79 -17.21 5.60
C ARG A 315 36.66 -16.35 4.76
N GLN A 316 36.27 -15.12 4.54
CA GLN A 316 37.03 -14.27 3.65
C GLN A 316 38.39 -13.99 4.23
N LEU A 317 38.36 -13.61 5.49
CA LEU A 317 39.53 -13.14 6.15
C LEU A 317 40.50 -14.25 6.19
N GLN A 318 40.03 -15.43 6.59
CA GLN A 318 40.84 -16.65 6.48
C GLN A 318 41.36 -16.85 5.04
N SER A 319 40.47 -16.91 4.07
CA SER A 319 40.88 -16.85 2.66
C SER A 319 41.93 -15.76 2.41
N PHE A 320 41.93 -14.66 3.11
CA PHE A 320 42.90 -13.61 2.82
C PHE A 320 44.18 -13.76 3.62
N GLY A 321 44.34 -14.90 4.28
CA GLY A 321 45.47 -15.12 5.15
C GLY A 321 45.32 -14.72 6.60
N MET A 322 44.33 -13.94 6.99
CA MET A 322 44.25 -13.53 8.41
C MET A 322 43.88 -14.68 9.31
N ASP A 323 44.10 -14.47 10.60
CA ASP A 323 43.79 -15.45 11.61
C ASP A 323 42.53 -14.97 12.32
N VAL A 324 41.51 -15.83 12.29
CA VAL A 324 40.17 -15.45 12.67
C VAL A 324 39.54 -16.43 13.64
N THR A 325 38.96 -15.89 14.69
CA THR A 325 38.17 -16.70 15.59
C THR A 325 36.81 -16.08 15.81
N LEU A 326 35.78 -16.91 15.73
CA LEU A 326 34.43 -16.46 15.94
C LEU A 326 34.00 -16.86 17.33
N LEU A 327 33.28 -15.97 18.01
CA LEU A 327 32.70 -16.25 19.30
C LEU A 327 31.19 -16.19 19.25
N GLU A 328 30.57 -17.28 19.67
CA GLU A 328 29.14 -17.44 19.50
C GLU A 328 28.56 -17.85 20.82
N ALA A 329 27.52 -17.15 21.24
CA ALA A 329 26.85 -17.41 22.50
C ALA A 329 26.09 -18.73 22.47
N ARG A 330 25.47 -19.00 21.34
CA ARG A 330 24.64 -20.16 21.20
C ARG A 330 25.50 -21.41 21.17
N ASP A 331 24.86 -22.58 21.06
CA ASP A 331 25.55 -23.84 20.85
C ASP A 331 25.45 -24.29 19.43
N ARG A 332 25.27 -23.37 18.48
CA ARG A 332 25.33 -23.69 17.07
C ARG A 332 25.50 -22.46 16.23
N VAL A 333 25.95 -22.69 15.00
CA VAL A 333 26.02 -21.63 14.03
C VAL A 333 24.66 -21.23 13.45
N GLY A 334 24.62 -20.15 12.67
CA GLY A 334 23.45 -19.76 11.89
C GLY A 334 22.74 -18.55 12.45
N GLY A 335 22.69 -18.49 13.77
CA GLY A 335 21.98 -17.42 14.36
C GLY A 335 20.54 -17.49 13.93
N ARG A 336 20.02 -16.39 13.39
CA ARG A 336 18.63 -16.33 12.88
C ARG A 336 18.41 -17.22 11.63
N VAL A 337 19.33 -18.14 11.32
CA VAL A 337 19.03 -19.22 10.41
C VAL A 337 18.94 -20.50 11.23
N ALA A 338 17.74 -20.72 11.77
CA ALA A 338 17.46 -21.84 12.62
C ALA A 338 16.53 -22.76 11.85
N THR A 339 16.78 -24.05 11.98
CA THR A 339 16.11 -25.09 11.20
C THR A 339 15.86 -26.32 12.06
N PHE A 340 14.64 -26.44 12.55
CA PHE A 340 14.17 -27.59 13.32
C PHE A 340 14.31 -28.89 12.54
N ARG A 341 14.78 -29.95 13.22
CA ARG A 341 14.90 -31.32 12.65
C ARG A 341 14.59 -32.36 13.68
N LYS A 342 13.52 -33.11 13.44
CA LYS A 342 13.28 -34.33 14.17
C LYS A 342 12.79 -35.32 13.12
N GLY A 343 13.34 -36.53 13.12
CA GLY A 343 13.05 -37.54 12.12
C GLY A 343 13.12 -36.92 10.73
N ASN A 344 12.16 -37.24 9.86
CA ASN A 344 12.07 -36.62 8.54
C ASN A 344 11.44 -35.23 8.55
N TYR A 345 10.93 -34.82 9.70
CA TYR A 345 10.43 -33.47 9.84
C TYR A 345 11.61 -32.51 9.81
N VAL A 346 11.44 -31.44 9.05
CA VAL A 346 12.43 -30.41 8.91
C VAL A 346 11.70 -29.11 8.64
N ALA A 347 11.88 -28.12 9.50
CA ALA A 347 11.22 -26.85 9.29
C ALA A 347 11.99 -25.65 9.84
N ASP A 348 12.08 -24.59 9.05
CA ASP A 348 12.79 -23.38 9.45
C ASP A 348 12.00 -22.43 10.36
N LEU A 349 12.56 -22.16 11.53
CA LEU A 349 11.98 -21.22 12.49
C LEU A 349 12.54 -19.85 12.31
N GLY A 350 13.57 -19.75 11.47
CA GLY A 350 14.02 -18.47 10.95
C GLY A 350 14.25 -18.58 9.47
N ALA A 351 14.57 -17.48 8.85
CA ALA A 351 14.69 -17.39 7.41
C ALA A 351 14.44 -18.64 6.66
N MET A 352 13.43 -18.64 5.77
CA MET A 352 13.23 -19.77 4.81
C MET A 352 13.05 -19.37 3.37
N VAL A 353 12.98 -18.10 3.05
CA VAL A 353 12.76 -17.77 1.67
C VAL A 353 13.96 -17.17 1.00
N VAL A 354 14.10 -17.48 -0.28
CA VAL A 354 15.16 -16.93 -1.10
C VAL A 354 14.44 -15.98 -2.04
N THR A 355 14.38 -14.72 -1.68
CA THR A 355 13.62 -13.73 -2.42
C THR A 355 14.15 -13.46 -3.87
N GLY A 356 14.37 -14.52 -4.64
CA GLY A 356 14.61 -14.38 -6.09
C GLY A 356 16.06 -14.53 -6.40
N LEU A 357 16.41 -15.09 -7.56
CA LEU A 357 17.85 -15.32 -7.88
C LEU A 357 18.54 -14.29 -8.80
N GLY A 358 17.79 -13.31 -9.30
CA GLY A 358 18.31 -12.33 -10.22
C GLY A 358 19.10 -11.30 -9.48
N GLY A 359 20.37 -11.60 -9.28
CA GLY A 359 21.28 -10.68 -8.63
C GLY A 359 21.57 -11.07 -7.21
N ASN A 360 21.09 -12.24 -6.82
CA ASN A 360 21.24 -12.69 -5.48
C ASN A 360 22.51 -13.50 -5.32
N PRO A 361 23.37 -13.05 -4.41
CA PRO A 361 24.53 -13.86 -4.13
C PRO A 361 24.16 -15.27 -3.72
N MET A 362 23.04 -15.47 -3.03
CA MET A 362 22.68 -16.84 -2.63
C MET A 362 22.48 -17.78 -3.82
N ALA A 363 22.29 -17.20 -5.00
CA ALA A 363 22.27 -17.96 -6.21
C ALA A 363 23.57 -18.73 -6.33
N VAL A 364 24.70 -18.01 -6.31
CA VAL A 364 26.04 -18.60 -6.27
C VAL A 364 26.18 -19.61 -5.16
N VAL A 365 25.76 -19.27 -3.98
CA VAL A 365 25.97 -20.18 -2.89
C VAL A 365 25.20 -21.47 -3.08
N SER A 366 24.04 -21.39 -3.73
CA SER A 366 23.21 -22.59 -3.94
C SER A 366 23.90 -23.58 -4.88
N LYS A 367 24.73 -23.05 -5.75
CA LYS A 367 25.54 -23.89 -6.59
C LYS A 367 26.63 -24.57 -5.79
N GLN A 368 27.16 -23.88 -4.79
CA GLN A 368 28.29 -24.42 -4.04
C GLN A 368 27.79 -25.33 -2.95
N VAL A 369 26.54 -25.16 -2.54
CA VAL A 369 25.95 -26.02 -1.54
C VAL A 369 24.62 -26.53 -2.01
N ASN A 370 24.37 -27.79 -1.75
CA ASN A 370 23.10 -28.37 -2.12
C ASN A 370 22.08 -27.83 -1.15
N MET A 371 21.36 -26.79 -1.58
CA MET A 371 20.11 -26.46 -0.93
C MET A 371 19.14 -26.97 -1.97
N GLU A 372 18.03 -27.53 -1.52
CA GLU A 372 17.03 -28.01 -2.45
C GLU A 372 16.03 -26.92 -2.59
N LEU A 373 16.27 -26.03 -3.55
CA LEU A 373 15.38 -24.89 -3.73
C LEU A 373 14.08 -25.26 -4.47
N ALA A 374 12.93 -25.03 -3.83
CA ALA A 374 11.62 -25.25 -4.45
C ALA A 374 10.87 -23.93 -4.59
N LYS A 375 10.42 -23.61 -5.82
CA LYS A 375 9.66 -22.38 -6.06
C LYS A 375 8.40 -22.40 -5.26
N ILE A 376 7.96 -21.23 -4.86
CA ILE A 376 6.75 -21.12 -4.10
C ILE A 376 5.68 -20.63 -5.05
N LYS A 377 4.54 -21.32 -5.03
CA LYS A 377 3.39 -20.97 -5.85
C LYS A 377 2.62 -19.93 -5.06
N GLN A 378 2.58 -18.73 -5.61
CA GLN A 378 2.15 -17.57 -4.86
C GLN A 378 0.66 -17.60 -4.51
N LYS A 379 -0.09 -18.47 -5.17
CA LYS A 379 -1.55 -18.52 -4.99
C LYS A 379 -1.99 -18.84 -3.56
N CYS A 380 -2.54 -17.82 -2.89
CA CYS A 380 -2.97 -17.94 -1.50
C CYS A 380 -4.44 -17.59 -1.35
N PRO A 381 -5.27 -18.62 -1.15
CA PRO A 381 -6.70 -18.47 -0.84
C PRO A 381 -6.98 -18.14 0.62
N LEU A 382 -7.80 -17.12 0.86
CA LEU A 382 -8.14 -16.70 2.23
C LEU A 382 -9.44 -17.33 2.71
N TYR A 383 -9.65 -17.39 4.03
CA TYR A 383 -10.73 -18.15 4.58
C TYR A 383 -11.18 -17.50 5.85
N GLU A 384 -12.23 -16.70 5.74
CA GLU A 384 -12.78 -15.94 6.88
C GLU A 384 -12.82 -16.60 8.26
N ALA A 385 -13.13 -15.71 9.21
CA ALA A 385 -13.20 -16.06 10.61
C ALA A 385 -13.95 -17.40 10.78
N ASN A 386 -15.13 -17.47 10.16
CA ASN A 386 -16.01 -18.63 10.30
C ASN A 386 -15.40 -19.97 9.81
N GLY A 387 -14.65 -19.94 8.70
CA GLY A 387 -14.19 -21.18 8.07
C GLY A 387 -14.51 -21.29 6.59
N GLN A 388 -15.10 -20.24 6.02
CA GLN A 388 -15.62 -20.30 4.66
C GLN A 388 -14.67 -19.55 3.76
N ALA A 389 -14.20 -20.25 2.75
CA ALA A 389 -13.40 -19.57 1.74
C ALA A 389 -14.00 -18.20 1.37
N VAL A 390 -13.16 -17.24 1.09
CA VAL A 390 -13.64 -16.01 0.52
C VAL A 390 -13.77 -16.28 -0.98
N PRO A 391 -14.86 -15.80 -1.61
CA PRO A 391 -15.03 -15.93 -3.07
C PRO A 391 -14.11 -15.01 -3.90
N LYS A 392 -13.69 -15.50 -5.07
CA LYS A 392 -12.95 -14.67 -6.03
C LYS A 392 -13.39 -13.20 -6.09
N GLU A 393 -14.69 -12.96 -6.14
CA GLU A 393 -15.15 -11.58 -6.35
C GLU A 393 -14.60 -10.62 -5.31
N LYS A 394 -14.84 -10.92 -4.02
CA LYS A 394 -14.27 -10.17 -2.88
C LYS A 394 -12.76 -10.12 -2.97
N ASP A 395 -12.15 -11.30 -2.85
CA ASP A 395 -10.71 -11.42 -2.83
C ASP A 395 -10.02 -10.36 -3.66
N GLU A 396 -10.42 -10.29 -4.91
CA GLU A 396 -9.82 -9.38 -5.86
C GLU A 396 -10.24 -7.93 -5.61
N MET A 397 -11.53 -7.67 -5.32
CA MET A 397 -11.99 -6.29 -5.00
C MET A 397 -11.11 -5.71 -3.93
N VAL A 398 -10.89 -6.52 -2.88
CA VAL A 398 -10.24 -6.06 -1.64
C VAL A 398 -8.75 -5.88 -1.81
N GLU A 399 -8.12 -6.95 -2.29
CA GLU A 399 -6.73 -6.91 -2.68
C GLU A 399 -6.47 -5.63 -3.44
N GLN A 400 -7.15 -5.43 -4.55
CA GLN A 400 -6.88 -4.23 -5.35
C GLN A 400 -7.05 -2.96 -4.54
N GLU A 401 -7.92 -2.99 -3.53
CA GLU A 401 -8.11 -1.81 -2.73
C GLU A 401 -6.84 -1.63 -1.89
N PHE A 402 -6.43 -2.71 -1.23
CA PHE A 402 -5.12 -2.72 -0.57
C PHE A 402 -4.04 -2.02 -1.38
N ASN A 403 -3.83 -2.48 -2.59
CA ASN A 403 -2.72 -1.97 -3.40
C ASN A 403 -2.93 -0.53 -3.73
N ARG A 404 -4.21 -0.20 -3.93
CA ARG A 404 -4.60 1.15 -4.24
C ARG A 404 -4.26 2.03 -3.02
N LEU A 405 -4.65 1.53 -1.85
CA LEU A 405 -4.41 2.23 -0.61
C LEU A 405 -2.93 2.55 -0.38
N LEU A 406 -2.07 1.59 -0.68
CA LEU A 406 -0.65 1.84 -0.63
C LEU A 406 -0.21 2.95 -1.57
N GLU A 407 -0.41 2.80 -2.87
CA GLU A 407 -0.04 3.91 -3.77
C GLU A 407 -0.55 5.23 -3.22
N ALA A 408 -1.76 5.20 -2.66
CA ALA A 408 -2.30 6.36 -1.98
C ALA A 408 -1.28 6.95 -1.01
N THR A 409 -0.82 6.12 -0.07
CA THR A 409 0.04 6.61 1.01
C THR A 409 1.24 7.30 0.42
N SER A 410 1.77 6.68 -0.62
CA SER A 410 2.87 7.25 -1.33
C SER A 410 2.56 8.67 -1.83
N TYR A 411 1.40 8.81 -2.47
CA TYR A 411 0.94 10.13 -2.90
C TYR A 411 0.98 11.14 -1.70
N LEU A 412 0.51 10.75 -0.52
CA LEU A 412 0.53 11.71 0.59
C LEU A 412 1.92 12.14 0.84
N SER A 413 2.81 11.15 0.82
CA SER A 413 4.16 11.36 1.26
C SER A 413 4.94 12.22 0.31
N HIS A 414 4.99 11.83 -0.95
CA HIS A 414 5.86 12.51 -1.90
C HIS A 414 5.19 13.75 -2.47
N GLN A 415 3.98 13.59 -2.98
CA GLN A 415 3.23 14.69 -3.58
C GLN A 415 2.73 15.72 -2.59
N LEU A 416 2.09 15.29 -1.49
CA LEU A 416 1.55 16.24 -0.51
C LEU A 416 2.47 16.58 0.68
N ASP A 417 3.68 16.00 0.70
CA ASP A 417 4.60 16.04 1.87
C ASP A 417 3.89 15.86 3.25
N PHE A 418 3.26 14.72 3.42
CA PHE A 418 2.62 14.43 4.70
C PHE A 418 3.56 13.56 5.55
N ASN A 419 4.68 14.11 5.98
CA ASN A 419 5.67 13.28 6.62
C ASN A 419 5.99 13.64 8.04
N VAL A 420 5.57 14.81 8.48
CA VAL A 420 5.63 15.13 9.91
C VAL A 420 4.25 15.55 10.39
N LEU A 421 3.97 15.30 11.67
CA LEU A 421 2.69 15.62 12.24
C LEU A 421 2.84 15.87 13.71
N ASN A 422 2.72 17.14 14.10
CA ASN A 422 2.81 17.57 15.49
C ASN A 422 4.18 17.25 16.03
N ASN A 423 5.19 17.58 15.21
CA ASN A 423 6.60 17.36 15.54
C ASN A 423 7.00 15.90 15.68
N LYS A 424 6.23 14.99 15.09
CA LYS A 424 6.55 13.57 15.15
C LYS A 424 6.41 13.05 13.75
N PRO A 425 7.25 12.09 13.38
CA PRO A 425 7.22 11.57 12.02
C PRO A 425 6.03 10.66 11.76
N VAL A 426 5.41 10.86 10.61
CA VAL A 426 4.24 10.07 10.25
C VAL A 426 4.55 8.59 9.95
N SER A 427 3.77 7.68 10.51
CA SER A 427 3.95 6.27 10.18
C SER A 427 3.08 5.83 9.03
N LEU A 428 3.39 4.68 8.47
CA LEU A 428 2.61 4.14 7.38
C LEU A 428 1.17 3.96 7.81
N GLY A 429 1.01 3.33 8.97
CA GLY A 429 -0.28 3.22 9.64
C GLY A 429 -1.07 4.52 9.74
N GLN A 430 -0.55 5.53 10.39
CA GLN A 430 -1.23 6.83 10.39
C GLN A 430 -1.74 7.20 9.00
N ALA A 431 -0.83 7.18 8.03
CA ALA A 431 -1.18 7.56 6.68
C ALA A 431 -2.25 6.66 6.10
N LEU A 432 -2.19 5.37 6.36
CA LEU A 432 -3.27 4.50 5.92
C LEU A 432 -4.62 4.84 6.53
N GLU A 433 -4.68 4.98 7.85
CA GLU A 433 -5.90 5.45 8.49
C GLU A 433 -6.37 6.70 7.75
N VAL A 434 -5.56 7.75 7.76
CA VAL A 434 -5.94 9.00 7.09
C VAL A 434 -6.53 8.78 5.71
N VAL A 435 -5.94 7.88 4.94
CA VAL A 435 -6.43 7.64 3.60
C VAL A 435 -7.79 6.97 3.69
N ILE A 436 -7.90 5.98 4.54
CA ILE A 436 -9.16 5.28 4.65
C ILE A 436 -10.25 6.22 5.07
N GLN A 437 -10.00 6.97 6.14
CA GLN A 437 -10.85 8.10 6.52
C GLN A 437 -11.33 8.92 5.34
N LEU A 438 -10.46 9.69 4.72
CA LEU A 438 -10.79 10.35 3.47
C LEU A 438 -11.61 9.50 2.48
N GLN A 439 -11.30 8.22 2.35
CA GLN A 439 -12.08 7.37 1.44
C GLN A 439 -13.52 7.22 1.88
N GLU A 440 -13.75 6.91 3.16
CA GLU A 440 -15.10 7.00 3.76
C GLU A 440 -15.72 8.39 3.59
N LYS A 441 -15.05 9.43 4.08
CA LYS A 441 -15.56 10.79 3.95
C LYS A 441 -16.11 11.10 2.57
N HIS A 442 -15.36 10.75 1.54
CA HIS A 442 -15.89 10.85 0.20
C HIS A 442 -17.21 10.06 0.01
N VAL A 443 -17.25 8.76 0.33
CA VAL A 443 -18.50 8.01 0.21
C VAL A 443 -19.72 8.75 0.75
N LYS A 444 -19.58 9.33 1.95
CA LYS A 444 -20.65 10.09 2.57
C LYS A 444 -20.86 11.33 1.75
N ASP A 445 -19.85 12.20 1.68
CA ASP A 445 -19.92 13.42 0.86
C ASP A 445 -20.71 13.25 -0.47
N GLU A 446 -20.59 12.10 -1.10
CA GLU A 446 -21.34 11.81 -2.34
C GLU A 446 -22.81 11.52 -2.12
N GLN A 447 -23.12 10.69 -1.12
CA GLN A 447 -24.51 10.38 -0.78
C GLN A 447 -25.24 11.65 -0.46
N ILE A 448 -24.67 12.42 0.44
CA ILE A 448 -25.15 13.75 0.72
C ILE A 448 -25.54 14.45 -0.57
N GLU A 449 -24.59 14.81 -1.43
CA GLU A 449 -24.96 15.59 -2.60
C GLU A 449 -26.03 14.87 -3.51
N HIS A 450 -26.17 13.55 -3.38
CA HIS A 450 -27.24 12.78 -4.06
C HIS A 450 -28.59 13.05 -3.50
N TRP A 451 -28.74 12.98 -2.17
CA TRP A 451 -30.01 13.29 -1.52
C TRP A 451 -30.34 14.79 -1.63
N LYS A 452 -29.34 15.64 -1.48
CA LYS A 452 -29.53 17.04 -1.81
C LYS A 452 -30.18 17.25 -3.18
N LYS A 453 -29.95 16.33 -4.11
CA LYS A 453 -30.58 16.38 -5.44
C LYS A 453 -31.97 15.82 -5.37
N ILE A 454 -32.18 14.83 -4.55
CA ILE A 454 -33.51 14.32 -4.41
C ILE A 454 -34.37 15.47 -3.89
N VAL A 455 -34.07 15.95 -2.68
CA VAL A 455 -34.90 16.99 -2.06
C VAL A 455 -35.13 18.16 -2.99
N LYS A 456 -34.09 18.59 -3.69
CA LYS A 456 -34.23 19.71 -4.59
C LYS A 456 -35.21 19.38 -5.71
N THR A 457 -35.27 18.12 -6.14
CA THR A 457 -36.20 17.75 -7.19
C THR A 457 -37.58 17.62 -6.59
N GLN A 458 -37.69 17.15 -5.36
CA GLN A 458 -38.98 17.20 -4.67
C GLN A 458 -39.53 18.64 -4.54
N GLU A 459 -38.69 19.58 -4.15
CA GLU A 459 -39.09 20.98 -4.13
C GLU A 459 -39.53 21.50 -5.47
N GLU A 460 -38.95 21.05 -6.56
CA GLU A 460 -39.48 21.40 -7.86
C GLU A 460 -40.89 20.85 -7.98
N LEU A 461 -41.05 19.57 -7.69
CA LEU A 461 -42.32 18.87 -7.86
C LEU A 461 -43.40 19.45 -6.96
N LYS A 462 -43.04 19.75 -5.72
CA LYS A 462 -43.96 20.36 -4.79
C LYS A 462 -44.50 21.63 -5.39
N GLU A 463 -43.66 22.62 -5.60
CA GLU A 463 -44.15 23.88 -6.13
C GLU A 463 -45.00 23.73 -7.37
N LEU A 464 -44.66 22.79 -8.24
CA LEU A 464 -45.49 22.54 -9.41
C LEU A 464 -46.87 21.96 -9.01
N LEU A 465 -46.90 21.10 -8.01
CA LEU A 465 -48.17 20.60 -7.52
C LEU A 465 -49.09 21.69 -6.95
N ASN A 466 -48.57 22.62 -6.17
CA ASN A 466 -49.37 23.78 -5.72
C ASN A 466 -49.87 24.55 -6.90
N LYS A 467 -48.97 24.87 -7.79
CA LYS A 467 -49.34 25.58 -8.99
C LYS A 467 -50.46 24.79 -9.68
N MET A 468 -50.34 23.46 -9.75
CA MET A 468 -51.34 22.62 -10.40
C MET A 468 -52.64 22.49 -9.64
N VAL A 469 -52.58 22.43 -8.31
CA VAL A 469 -53.78 22.26 -7.47
C VAL A 469 -54.61 23.55 -7.45
N ASN A 470 -53.95 24.70 -7.65
CA ASN A 470 -54.63 26.01 -7.68
C ASN A 470 -55.18 26.31 -9.03
N LEU A 471 -54.64 25.65 -10.02
CA LEU A 471 -55.15 25.76 -11.35
C LEU A 471 -56.46 24.97 -11.42
N LYS A 472 -56.34 23.68 -10.86
CA LYS A 472 -57.51 22.85 -10.55
C LYS A 472 -58.59 23.80 -10.04
N GLU A 473 -58.35 24.56 -9.05
CA GLU A 473 -59.31 25.45 -8.38
C GLU A 473 -59.89 26.47 -9.33
N LYS A 474 -59.08 27.39 -9.82
CA LYS A 474 -59.54 28.34 -10.85
C LYS A 474 -60.32 27.70 -11.98
N ILE A 475 -59.76 26.65 -12.57
CA ILE A 475 -60.45 25.94 -13.64
C ILE A 475 -61.82 25.44 -13.25
N LYS A 476 -61.93 24.78 -12.10
CA LYS A 476 -63.21 24.24 -11.62
C LYS A 476 -64.27 25.33 -11.58
N GLU A 477 -63.90 26.43 -10.95
CA GLU A 477 -64.75 27.60 -10.82
C GLU A 477 -65.03 28.28 -12.15
N LEU A 478 -64.00 28.63 -12.89
CA LEU A 478 -64.19 29.26 -14.20
C LEU A 478 -65.17 28.46 -15.04
N HIS A 479 -65.17 27.14 -14.87
CA HIS A 479 -66.14 26.26 -15.52
C HIS A 479 -67.55 26.63 -15.17
N GLN A 480 -67.80 26.76 -13.87
CA GLN A 480 -69.09 27.22 -13.37
C GLN A 480 -69.53 28.44 -14.15
N GLN A 481 -68.71 29.48 -14.14
CA GLN A 481 -69.15 30.69 -14.79
C GLN A 481 -69.49 30.48 -16.25
N TYR A 482 -68.74 29.64 -16.93
CA TYR A 482 -69.04 29.32 -18.30
C TYR A 482 -70.36 28.63 -18.33
N LYS A 483 -70.56 27.68 -17.41
CA LYS A 483 -71.85 26.99 -17.31
C LYS A 483 -72.96 28.07 -17.24
N GLU A 484 -72.95 28.86 -16.16
CA GLU A 484 -73.93 29.91 -15.93
C GLU A 484 -74.14 30.83 -17.16
N ALA A 485 -73.08 31.38 -17.71
CA ALA A 485 -73.21 32.20 -18.91
C ALA A 485 -73.86 31.47 -20.06
N SER A 486 -73.48 30.21 -20.26
CA SER A 486 -74.03 29.38 -21.33
C SER A 486 -75.49 28.92 -21.09
N GLU A 487 -75.92 28.94 -19.84
CA GLU A 487 -77.30 28.57 -19.48
C GLU A 487 -78.28 29.69 -19.83
N VAL A 488 -77.86 30.95 -19.77
CA VAL A 488 -78.66 31.99 -20.38
C VAL A 488 -78.90 31.63 -21.83
N LYS A 489 -80.13 31.63 -22.29
CA LYS A 489 -80.45 31.12 -23.62
C LYS A 489 -80.43 32.21 -24.68
N PRO A 490 -80.14 31.81 -25.93
CA PRO A 490 -80.30 32.70 -27.03
C PRO A 490 -81.76 32.95 -27.13
N PRO A 491 -82.16 34.05 -27.75
CA PRO A 491 -81.27 35.01 -28.38
C PRO A 491 -80.70 36.00 -27.34
N ARG A 492 -79.40 36.22 -27.37
CA ARG A 492 -78.75 37.12 -26.43
C ARG A 492 -78.15 38.30 -27.11
N ASP A 493 -77.91 39.34 -26.35
CA ASP A 493 -77.30 40.50 -26.92
C ASP A 493 -75.86 40.15 -26.91
N ILE A 494 -75.06 41.00 -27.51
CA ILE A 494 -73.69 40.65 -27.80
C ILE A 494 -72.76 40.61 -26.59
N THR A 495 -72.98 41.46 -25.59
CA THR A 495 -72.07 41.42 -24.45
C THR A 495 -72.23 40.09 -23.74
N ALA A 496 -73.44 39.56 -23.69
CA ALA A 496 -73.66 38.26 -23.09
C ALA A 496 -73.16 37.14 -24.00
N GLU A 497 -73.27 37.31 -25.30
CA GLU A 497 -72.67 36.32 -26.21
C GLU A 497 -71.17 36.29 -25.98
N PHE A 498 -70.58 37.47 -25.97
CA PHE A 498 -69.18 37.62 -25.68
C PHE A 498 -68.83 36.95 -24.39
N LEU A 499 -69.68 37.10 -23.39
CA LEU A 499 -69.34 36.55 -22.09
C LEU A 499 -69.14 35.06 -22.14
N VAL A 500 -69.98 34.36 -22.89
CA VAL A 500 -69.82 32.92 -23.06
C VAL A 500 -68.51 32.58 -23.75
N LYS A 501 -68.37 33.05 -24.98
CA LYS A 501 -67.18 32.81 -25.79
C LYS A 501 -65.90 33.19 -25.04
N SER A 502 -65.92 34.34 -24.36
CA SER A 502 -64.77 34.78 -23.62
C SER A 502 -64.42 33.68 -22.63
N LYS A 503 -65.36 33.35 -21.75
CA LYS A 503 -65.09 32.36 -20.72
C LYS A 503 -64.73 31.03 -21.34
N HIS A 504 -65.23 30.71 -22.52
CA HIS A 504 -64.89 29.44 -23.14
C HIS A 504 -63.41 29.38 -23.43
N ARG A 505 -62.93 30.32 -24.23
CA ARG A 505 -61.52 30.38 -24.48
C ARG A 505 -60.71 30.45 -23.17
N ASP A 506 -60.92 31.47 -22.34
CA ASP A 506 -60.26 31.58 -21.01
C ASP A 506 -60.17 30.24 -20.29
N LEU A 507 -61.13 29.36 -20.53
CA LEU A 507 -61.17 28.06 -19.89
C LEU A 507 -60.32 27.06 -20.68
N THR A 508 -60.47 27.01 -22.01
CA THR A 508 -59.69 26.03 -22.77
C THR A 508 -58.22 26.35 -22.55
N ALA A 509 -57.86 27.63 -22.66
CA ALA A 509 -56.55 28.15 -22.24
C ALA A 509 -56.00 27.54 -20.94
N LEU A 510 -56.77 27.59 -19.87
CA LEU A 510 -56.30 27.09 -18.57
C LEU A 510 -56.20 25.60 -18.60
N CYS A 511 -57.15 24.92 -19.21
CA CYS A 511 -57.07 23.48 -19.30
C CYS A 511 -55.78 23.05 -20.00
N LYS A 512 -55.49 23.64 -21.16
CA LYS A 512 -54.17 23.53 -21.80
C LYS A 512 -53.03 23.68 -20.76
N GLU A 513 -52.88 24.85 -20.13
CA GLU A 513 -51.88 25.02 -19.06
C GLU A 513 -51.78 23.85 -18.10
N TYR A 514 -52.89 23.23 -17.74
CA TYR A 514 -52.86 22.13 -16.79
C TYR A 514 -52.30 20.87 -17.41
N ASP A 515 -52.78 20.52 -18.60
CA ASP A 515 -52.24 19.36 -19.32
C ASP A 515 -50.71 19.40 -19.43
N GLU A 516 -50.19 20.59 -19.74
CA GLU A 516 -48.75 20.81 -19.86
C GLU A 516 -48.04 20.49 -18.56
N LEU A 517 -48.54 21.04 -17.47
CA LEU A 517 -47.95 20.81 -16.17
C LEU A 517 -48.07 19.36 -15.74
N ALA A 518 -49.10 18.66 -16.17
CA ALA A 518 -49.21 17.24 -15.88
C ALA A 518 -48.18 16.43 -16.67
N GLU A 519 -47.74 16.98 -17.81
CA GLU A 519 -46.66 16.37 -18.58
C GLU A 519 -45.34 16.60 -17.85
N THR A 520 -44.98 17.87 -17.62
CA THR A 520 -43.88 18.20 -16.72
C THR A 520 -43.86 17.40 -15.43
N GLN A 521 -45.00 17.23 -14.78
CA GLN A 521 -45.05 16.45 -13.56
C GLN A 521 -44.59 15.02 -13.81
N GLY A 522 -45.08 14.40 -14.89
CA GLY A 522 -44.72 13.02 -15.22
C GLY A 522 -43.22 12.83 -15.34
N LYS A 523 -42.53 13.86 -15.84
CA LYS A 523 -41.07 13.87 -15.97
C LYS A 523 -40.37 13.94 -14.64
N LEU A 524 -40.64 14.98 -13.85
CA LEU A 524 -40.05 15.07 -12.51
C LEU A 524 -40.37 13.83 -11.68
N GLU A 525 -41.49 13.19 -11.95
CA GLU A 525 -41.89 12.05 -11.16
C GLU A 525 -41.03 10.84 -11.47
N GLU A 526 -40.62 10.75 -12.73
CA GLU A 526 -39.86 9.59 -13.22
C GLU A 526 -38.38 9.86 -13.04
N LYS A 527 -37.92 11.08 -13.35
CA LYS A 527 -36.61 11.53 -12.88
C LYS A 527 -36.43 11.39 -11.34
N LEU A 528 -37.49 11.51 -10.55
CA LEU A 528 -37.44 11.19 -9.12
C LEU A 528 -37.26 9.69 -8.89
N GLN A 529 -37.73 8.87 -9.81
CA GLN A 529 -37.58 7.40 -9.69
C GLN A 529 -36.22 6.89 -10.13
N GLU A 530 -35.62 7.54 -11.15
CA GLU A 530 -34.24 7.23 -11.50
C GLU A 530 -33.34 7.39 -10.27
N LEU A 531 -33.48 8.51 -9.56
CA LEU A 531 -32.56 8.85 -8.50
C LEU A 531 -32.61 7.91 -7.32
N GLU A 532 -33.77 7.66 -6.75
CA GLU A 532 -33.78 6.73 -5.60
C GLU A 532 -33.59 5.27 -6.05
N ALA A 533 -33.54 5.05 -7.36
CA ALA A 533 -33.13 3.75 -7.91
C ALA A 533 -31.61 3.61 -8.07
N ASN A 534 -30.93 4.72 -8.38
CA ASN A 534 -29.48 4.75 -8.67
C ASN A 534 -28.63 5.50 -7.64
N PRO A 535 -28.62 5.01 -6.38
CA PRO A 535 -27.86 5.74 -5.36
C PRO A 535 -26.38 5.38 -5.42
N PRO A 536 -25.48 6.35 -5.18
CA PRO A 536 -24.11 6.08 -4.80
C PRO A 536 -23.87 4.93 -3.84
N SER A 537 -22.59 4.61 -3.69
CA SER A 537 -22.16 3.57 -2.78
C SER A 537 -22.67 3.82 -1.36
N ASP A 538 -23.35 2.81 -0.84
CA ASP A 538 -23.83 2.79 0.54
C ASP A 538 -22.67 3.07 1.53
N VAL A 539 -21.58 2.30 1.34
CA VAL A 539 -20.39 2.24 2.24
C VAL A 539 -19.06 2.16 1.48
N TYR A 540 -17.97 2.52 2.16
CA TYR A 540 -16.63 2.38 1.59
C TYR A 540 -16.19 0.92 1.61
N LEU A 541 -16.24 0.32 2.80
CA LEU A 541 -15.96 -1.11 2.95
C LEU A 541 -16.88 -1.67 4.01
N SER A 542 -17.53 -2.79 3.72
CA SER A 542 -18.37 -3.47 4.71
C SER A 542 -17.60 -3.80 5.98
N SER A 543 -17.84 -4.94 6.58
CA SER A 543 -16.97 -5.38 7.64
C SER A 543 -16.22 -6.54 7.08
N ARG A 544 -16.98 -7.56 6.69
CA ARG A 544 -16.43 -8.71 6.01
C ARG A 544 -15.24 -8.32 5.10
N ASP A 545 -15.33 -7.20 4.37
CA ASP A 545 -14.17 -6.74 3.59
C ASP A 545 -13.11 -6.11 4.48
N ARG A 546 -13.43 -5.02 5.15
CA ARG A 546 -12.46 -4.39 6.07
C ARG A 546 -11.68 -5.40 6.99
N GLN A 547 -12.19 -6.59 7.21
CA GLN A 547 -11.39 -7.63 7.86
C GLN A 547 -10.48 -8.37 6.91
N ILE A 548 -10.97 -8.66 5.72
CA ILE A 548 -10.12 -9.21 4.68
C ILE A 548 -8.96 -8.22 4.45
N LEU A 549 -9.29 -6.95 4.26
CA LEU A 549 -8.27 -5.93 4.15
C LEU A 549 -7.29 -5.99 5.29
N ASP A 550 -7.79 -6.22 6.49
CA ASP A 550 -6.91 -6.40 7.63
C ASP A 550 -5.94 -7.52 7.44
N TRP A 551 -6.30 -8.57 6.71
CA TRP A 551 -5.34 -9.61 6.40
C TRP A 551 -4.29 -9.09 5.42
N HIS A 552 -4.69 -8.43 4.37
CA HIS A 552 -3.67 -7.83 3.54
C HIS A 552 -2.72 -6.96 4.37
N PHE A 553 -3.21 -6.37 5.46
CA PHE A 553 -2.26 -5.68 6.34
C PHE A 553 -1.37 -6.60 7.17
N ALA A 554 -1.89 -7.73 7.62
CA ALA A 554 -1.07 -8.62 8.43
C ALA A 554 0.07 -9.14 7.61
N ASN A 555 -0.24 -9.46 6.36
CA ASN A 555 0.78 -9.87 5.45
C ASN A 555 1.86 -8.85 5.30
N LEU A 556 1.52 -7.57 5.27
CA LEU A 556 2.52 -6.51 5.28
C LEU A 556 3.26 -6.42 6.61
N GLU A 557 2.56 -6.55 7.72
CA GLU A 557 3.21 -6.50 9.01
C GLU A 557 4.13 -7.69 9.13
N PHE A 558 3.74 -8.80 8.54
CA PHE A 558 4.55 -10.01 8.57
C PHE A 558 5.82 -9.90 7.76
N ALA A 559 5.75 -9.16 6.68
CA ALA A 559 6.89 -9.03 5.83
C ALA A 559 7.82 -7.99 6.38
N ASN A 560 7.35 -7.11 7.27
CA ASN A 560 8.23 -6.10 7.77
C ASN A 560 8.53 -6.37 9.18
N ALA A 561 8.14 -7.53 9.64
CA ALA A 561 8.22 -7.84 11.07
C ALA A 561 7.84 -6.65 11.99
N THR A 562 6.74 -5.96 11.74
CA THR A 562 6.35 -4.88 12.64
C THR A 562 4.98 -4.25 12.36
N PRO A 563 4.38 -3.69 13.39
CA PRO A 563 3.17 -2.95 13.20
C PRO A 563 3.35 -1.81 12.26
N LEU A 564 2.38 -1.56 11.40
CA LEU A 564 2.53 -0.47 10.45
C LEU A 564 2.48 0.89 11.17
N SER A 565 2.20 0.89 12.46
CA SER A 565 2.25 2.13 13.20
C SER A 565 3.63 2.62 13.38
N THR A 566 4.59 1.71 13.11
CA THR A 566 6.01 1.93 13.36
C THR A 566 6.85 2.16 12.10
N LEU A 567 6.39 1.69 10.93
CA LEU A 567 7.15 1.93 9.68
C LEU A 567 7.21 3.41 9.33
N SER A 568 8.35 3.86 8.83
CA SER A 568 8.46 5.21 8.28
C SER A 568 7.56 5.29 7.07
N LEU A 569 6.77 6.35 6.98
CA LEU A 569 5.94 6.54 5.81
C LEU A 569 6.87 6.75 4.66
N LYS A 570 7.83 7.65 4.85
CA LYS A 570 8.72 8.04 3.76
C LYS A 570 9.68 6.96 3.28
N HIS A 571 10.07 6.05 4.17
CA HIS A 571 11.22 5.22 3.90
C HIS A 571 11.04 3.74 4.06
N TRP A 572 9.87 3.30 4.47
CA TRP A 572 9.74 1.89 4.77
C TRP A 572 10.11 0.99 3.60
N ASP A 573 10.05 1.52 2.39
CA ASP A 573 10.19 0.71 1.20
C ASP A 573 11.34 1.22 0.37
N GLN A 574 12.28 1.95 0.98
CA GLN A 574 13.48 2.42 0.26
C GLN A 574 14.34 1.29 -0.42
N ASP A 575 14.40 0.14 0.23
CA ASP A 575 15.17 -0.94 -0.31
C ASP A 575 14.47 -1.67 -1.46
N ASP A 576 13.47 -1.02 -2.07
CA ASP A 576 12.55 -1.68 -3.00
C ASP A 576 13.21 -1.83 -4.35
N ASP A 577 13.93 -0.78 -4.75
CA ASP A 577 14.58 -0.77 -6.06
C ASP A 577 15.54 -1.92 -6.26
N PHE A 578 16.06 -2.43 -5.16
CA PHE A 578 17.14 -3.37 -5.23
C PHE A 578 16.63 -4.78 -5.15
N GLU A 579 15.32 -4.96 -5.20
CA GLU A 579 14.72 -6.30 -5.04
C GLU A 579 15.23 -7.10 -6.21
N PHE A 580 15.48 -8.38 -5.96
CA PHE A 580 15.95 -9.31 -6.98
C PHE A 580 14.87 -9.65 -8.05
N THR A 581 15.20 -10.54 -8.99
CA THR A 581 14.21 -11.06 -9.94
C THR A 581 14.07 -12.56 -9.79
N GLY A 582 12.98 -13.10 -10.31
CA GLY A 582 12.69 -14.54 -10.21
C GLY A 582 11.69 -14.88 -9.13
N SER A 583 11.23 -16.12 -9.16
CA SER A 583 10.24 -16.55 -8.18
C SER A 583 10.99 -16.66 -6.89
N HIS A 584 10.27 -16.46 -5.81
CA HIS A 584 10.75 -16.74 -4.48
C HIS A 584 10.83 -18.24 -4.28
N LEU A 585 11.64 -18.71 -3.34
CA LEU A 585 11.93 -20.14 -3.22
C LEU A 585 12.01 -20.57 -1.79
N THR A 586 12.02 -21.87 -1.52
CA THR A 586 12.25 -22.27 -0.16
C THR A 586 13.37 -23.21 -0.14
N VAL A 587 13.97 -23.34 1.04
CA VAL A 587 14.99 -24.32 1.21
C VAL A 587 14.22 -25.46 1.81
N ARG A 588 14.26 -26.55 1.06
CA ARG A 588 13.40 -27.69 1.29
C ARG A 588 14.05 -28.68 2.26
N ASN A 589 15.37 -28.61 2.41
CA ASN A 589 16.08 -29.41 3.41
C ASN A 589 16.50 -28.54 4.58
N GLY A 590 16.09 -27.29 4.58
CA GLY A 590 16.35 -26.41 5.72
C GLY A 590 17.53 -25.50 5.50
N TYR A 591 17.39 -24.23 5.84
CA TYR A 591 18.36 -23.21 5.44
C TYR A 591 19.68 -23.36 6.25
N SER A 592 19.64 -24.12 7.36
CA SER A 592 20.81 -24.32 8.20
C SER A 592 21.93 -24.99 7.42
N CYS A 593 21.58 -25.79 6.43
CA CYS A 593 22.57 -26.34 5.54
C CYS A 593 23.65 -25.31 5.12
N VAL A 594 23.27 -24.02 5.05
CA VAL A 594 24.18 -22.94 4.63
C VAL A 594 25.17 -22.41 5.69
N PRO A 595 24.69 -22.05 6.87
CA PRO A 595 25.65 -21.68 7.85
C PRO A 595 26.56 -22.81 8.15
N VAL A 596 26.01 -23.99 8.21
CA VAL A 596 26.84 -25.13 8.53
C VAL A 596 27.95 -25.32 7.48
N ALA A 597 27.60 -25.23 6.21
CA ALA A 597 28.60 -25.28 5.17
C ALA A 597 29.67 -24.26 5.40
N LEU A 598 29.27 -23.02 5.67
CA LEU A 598 30.17 -21.86 5.81
C LEU A 598 31.08 -22.03 7.03
N ALA A 599 30.49 -22.54 8.10
CA ALA A 599 31.22 -22.86 9.31
C ALA A 599 32.43 -23.74 9.13
N GLU A 600 32.56 -24.41 7.99
CA GLU A 600 33.48 -25.52 7.86
C GLU A 600 34.89 -25.03 7.67
N GLY A 601 35.71 -25.27 8.68
CA GLY A 601 37.11 -24.89 8.62
C GLY A 601 37.46 -23.67 9.42
N LEU A 602 36.55 -23.24 10.29
CA LEU A 602 36.69 -21.98 10.99
C LEU A 602 36.87 -22.23 12.47
N ASP A 603 37.52 -21.29 13.15
CA ASP A 603 37.75 -21.46 14.57
C ASP A 603 36.58 -20.82 15.28
N ILE A 604 35.54 -21.62 15.49
CA ILE A 604 34.38 -21.10 16.17
C ILE A 604 34.28 -21.60 17.59
N LYS A 605 34.06 -20.70 18.53
CA LYS A 605 33.89 -21.08 19.91
C LYS A 605 32.43 -20.95 20.23
N LEU A 606 31.78 -22.07 20.51
CA LEU A 606 30.35 -22.05 20.89
C LEU A 606 30.15 -21.87 22.38
N ASN A 607 28.99 -21.44 22.77
CA ASN A 607 28.72 -21.24 24.19
C ASN A 607 29.64 -20.19 24.82
N THR A 608 29.86 -19.14 24.06
CA THR A 608 30.79 -18.12 24.43
C THR A 608 30.09 -16.81 24.21
N ALA A 609 29.77 -16.17 25.30
CA ALA A 609 28.95 -15.01 25.22
C ALA A 609 29.79 -13.83 25.57
N VAL A 610 29.92 -12.93 24.62
CA VAL A 610 30.67 -11.74 24.89
C VAL A 610 29.97 -10.84 25.90
N ARG A 611 30.71 -10.40 26.90
CA ARG A 611 30.17 -9.43 27.84
C ARG A 611 30.75 -8.07 27.63
N GLN A 612 32.00 -8.00 27.16
CA GLN A 612 32.65 -6.73 27.04
C GLN A 612 33.61 -6.64 25.87
N VAL A 613 33.53 -5.53 25.16
CA VAL A 613 34.43 -5.26 24.06
C VAL A 613 35.23 -3.99 24.39
N ARG A 614 36.53 -4.17 24.59
CA ARG A 614 37.48 -3.07 24.80
C ARG A 614 38.35 -2.91 23.60
N TYR A 615 38.51 -1.67 23.14
CA TYR A 615 39.24 -1.41 21.90
C TYR A 615 40.05 -0.13 22.17
N THR A 616 41.34 -0.28 21.99
CA THR A 616 42.28 0.79 22.31
C THR A 616 43.07 1.08 21.10
N ALA A 617 43.71 2.24 21.18
CA ALA A 617 44.67 2.63 20.16
C ALA A 617 45.66 1.52 19.76
N SER A 618 46.04 0.62 20.65
CA SER A 618 47.06 -0.37 20.30
C SER A 618 46.50 -1.76 19.94
N GLY A 619 45.19 -1.94 20.04
CA GLY A 619 44.56 -3.26 19.81
C GLY A 619 43.31 -3.46 20.67
N CYS A 620 42.65 -4.60 20.58
CA CYS A 620 41.41 -4.81 21.37
C CYS A 620 41.51 -6.04 22.19
N GLU A 621 40.75 -6.06 23.28
CA GLU A 621 40.49 -7.29 23.99
C GLU A 621 39.01 -7.42 24.17
N VAL A 622 38.55 -8.66 23.97
CA VAL A 622 37.17 -9.05 24.13
C VAL A 622 37.04 -10.02 25.28
N ILE A 623 36.20 -9.68 26.24
CA ILE A 623 35.91 -10.54 27.39
C ILE A 623 34.61 -11.30 27.19
N ALA A 624 34.70 -12.63 27.26
CA ALA A 624 33.54 -13.48 27.13
C ALA A 624 33.41 -14.43 28.35
N VAL A 625 32.24 -15.07 28.52
CA VAL A 625 32.03 -16.10 29.54
C VAL A 625 31.43 -17.34 28.95
N ASN A 626 31.47 -18.46 29.66
CA ASN A 626 30.85 -19.70 29.19
C ASN A 626 29.38 -19.75 29.56
N THR A 627 28.50 -19.88 28.55
CA THR A 627 27.05 -19.72 28.78
C THR A 627 26.59 -20.76 29.75
N ARG A 628 27.19 -21.94 29.62
CA ARG A 628 26.95 -23.08 30.49
C ARG A 628 27.33 -22.77 31.94
N SER A 629 28.62 -22.56 32.24
CA SER A 629 29.00 -21.98 33.56
C SER A 629 29.67 -20.60 33.44
N THR A 630 28.96 -19.57 33.90
CA THR A 630 29.35 -18.19 33.64
C THR A 630 30.40 -17.62 34.59
N SER A 631 30.79 -18.40 35.58
CA SER A 631 31.93 -18.03 36.37
C SER A 631 33.17 -18.08 35.49
N GLN A 632 33.27 -19.09 34.60
CA GLN A 632 34.38 -19.21 33.63
C GLN A 632 34.54 -18.03 32.67
N THR A 633 35.71 -17.39 32.70
CA THR A 633 35.94 -16.19 31.90
C THR A 633 37.04 -16.36 30.87
N PHE A 634 36.84 -15.76 29.70
CA PHE A 634 37.80 -15.78 28.61
C PHE A 634 38.17 -14.34 28.18
N ILE A 635 39.44 -14.19 27.80
CA ILE A 635 39.93 -12.94 27.31
C ILE A 635 40.56 -13.21 25.98
N TYR A 636 40.19 -12.38 25.01
CA TYR A 636 40.65 -12.55 23.65
C TYR A 636 41.25 -11.23 23.17
N LYS A 637 42.52 -11.29 22.81
CA LYS A 637 43.21 -10.12 22.33
C LYS A 637 43.26 -10.20 20.82
N CYS A 638 43.17 -9.07 20.14
CA CYS A 638 43.17 -9.07 18.69
C CYS A 638 43.41 -7.68 18.14
N ASP A 639 43.82 -7.64 16.87
CA ASP A 639 44.10 -6.36 16.21
C ASP A 639 42.77 -5.67 15.92
N ALA A 640 41.73 -6.47 15.64
CA ALA A 640 40.40 -5.95 15.26
C ALA A 640 39.28 -6.81 15.72
N VAL A 641 38.17 -6.15 16.01
CA VAL A 641 36.92 -6.85 16.28
C VAL A 641 35.83 -6.53 15.28
N LEU A 642 35.25 -7.58 14.70
CA LEU A 642 34.09 -7.45 13.87
C LEU A 642 32.88 -7.88 14.64
N CYS A 643 31.97 -6.94 14.86
CA CYS A 643 30.77 -7.19 15.64
C CYS A 643 29.48 -7.44 14.80
N THR A 644 28.97 -8.68 14.85
CA THR A 644 27.70 -9.08 14.19
C THR A 644 26.50 -9.22 15.16
N LEU A 645 26.71 -8.87 16.42
CA LEU A 645 25.58 -8.69 17.33
C LEU A 645 24.43 -7.97 16.65
N PRO A 646 23.27 -8.62 16.66
CA PRO A 646 21.96 -8.20 16.27
C PRO A 646 21.58 -6.87 16.85
N LEU A 647 20.72 -6.16 16.12
CA LEU A 647 20.37 -4.82 16.54
C LEU A 647 19.64 -4.88 17.85
N GLY A 648 18.86 -5.93 18.03
CA GLY A 648 18.14 -6.15 19.28
C GLY A 648 19.09 -6.18 20.43
N VAL A 649 20.16 -6.93 20.23
CA VAL A 649 21.17 -7.09 21.24
C VAL A 649 21.88 -5.76 21.44
N LEU A 650 22.17 -5.03 20.38
CA LEU A 650 22.75 -3.70 20.56
C LEU A 650 21.83 -2.74 21.26
N LYS A 651 20.53 -2.89 21.05
CA LYS A 651 19.61 -1.92 21.61
C LYS A 651 19.39 -2.16 23.08
N GLN A 652 19.85 -3.31 23.60
CA GLN A 652 19.39 -3.82 24.87
C GLN A 652 19.75 -2.91 26.02
N GLN A 653 18.76 -2.66 26.87
CA GLN A 653 18.97 -1.94 28.14
C GLN A 653 18.41 -2.74 29.36
N PRO A 654 19.26 -2.91 30.39
CA PRO A 654 20.66 -2.53 30.38
C PRO A 654 21.48 -3.44 29.43
N PRO A 655 22.66 -2.96 29.02
CA PRO A 655 23.44 -3.61 27.96
C PRO A 655 23.76 -5.03 28.23
N ALA A 656 23.62 -5.92 27.27
CA ALA A 656 24.20 -7.27 27.41
C ALA A 656 25.69 -7.27 27.12
N VAL A 657 26.14 -6.28 26.32
CA VAL A 657 27.51 -6.18 25.92
C VAL A 657 27.99 -4.76 26.16
N GLN A 658 29.13 -4.65 26.81
CA GLN A 658 29.69 -3.37 27.21
C GLN A 658 30.80 -3.00 26.26
N PHE A 659 30.72 -1.77 25.77
CA PHE A 659 31.76 -1.21 24.96
C PHE A 659 32.67 -0.29 25.77
N VAL A 660 33.95 -0.60 25.69
CA VAL A 660 34.93 0.18 26.39
C VAL A 660 36.04 0.62 25.47
N PRO A 661 36.02 1.91 25.14
CA PRO A 661 35.07 2.92 25.63
C PRO A 661 33.68 2.84 24.99
N PRO A 662 32.72 3.59 25.53
CA PRO A 662 31.38 3.58 25.01
C PRO A 662 31.34 3.94 23.56
N LEU A 663 30.29 3.50 22.88
CA LEU A 663 30.16 3.84 21.46
C LEU A 663 29.81 5.30 21.39
N PRO A 664 30.29 6.00 20.40
CA PRO A 664 29.96 7.42 20.28
C PRO A 664 28.48 7.64 20.07
N GLU A 665 28.00 8.80 20.49
CA GLU A 665 26.56 9.03 20.44
C GLU A 665 26.07 8.91 19.01
N TRP A 666 26.86 9.32 18.02
CA TRP A 666 26.35 9.20 16.66
C TRP A 666 25.95 7.79 16.33
N LYS A 667 26.64 6.83 16.95
CA LYS A 667 26.36 5.46 16.71
C LYS A 667 25.12 5.04 17.50
N THR A 668 25.12 5.36 18.78
CA THR A 668 24.09 4.84 19.67
C THR A 668 22.71 5.37 19.31
N SER A 669 22.65 6.62 18.85
CA SER A 669 21.39 7.15 18.26
C SER A 669 20.88 6.35 17.09
N ALA A 670 21.71 6.02 16.13
CA ALA A 670 21.25 5.21 15.05
C ALA A 670 20.66 3.86 15.55
N VAL A 671 21.25 3.33 16.61
CA VAL A 671 20.74 2.11 17.22
C VAL A 671 19.34 2.32 17.83
N GLN A 672 19.12 3.40 18.60
CA GLN A 672 17.74 3.76 18.97
C GLN A 672 16.81 4.05 17.82
N ARG A 673 17.25 4.88 16.89
CA ARG A 673 16.37 5.34 15.84
C ARG A 673 15.90 4.19 15.03
N MET A 674 16.78 3.25 14.71
CA MET A 674 16.41 2.12 13.85
C MET A 674 15.40 1.27 14.52
N GLY A 675 14.71 0.50 13.73
CA GLY A 675 13.69 -0.38 14.26
C GLY A 675 14.10 -1.82 14.23
N PHE A 676 13.79 -2.55 15.29
CA PHE A 676 14.09 -3.97 15.23
C PHE A 676 12.84 -4.70 15.54
N GLY A 677 12.32 -5.37 14.54
CA GLY A 677 10.99 -5.93 14.62
C GLY A 677 11.00 -7.36 15.07
N ASN A 678 9.90 -8.05 14.79
CA ASN A 678 9.56 -9.35 15.38
C ASN A 678 8.42 -10.01 14.58
N LEU A 679 8.45 -11.34 14.62
CA LEU A 679 7.50 -12.17 13.95
C LEU A 679 7.84 -13.59 14.31
N ASN A 680 6.85 -14.43 14.54
CA ASN A 680 7.14 -15.76 14.99
C ASN A 680 6.47 -16.81 14.18
N LYS A 681 6.93 -18.04 14.34
CA LYS A 681 6.46 -19.14 13.56
C LYS A 681 6.05 -20.24 14.50
N VAL A 682 5.02 -21.00 14.10
CA VAL A 682 4.58 -22.20 14.80
C VAL A 682 4.59 -23.35 13.87
N VAL A 683 5.30 -24.40 14.29
CA VAL A 683 5.47 -25.56 13.46
C VAL A 683 4.55 -26.69 13.91
N LEU A 684 3.77 -27.18 12.94
CA LEU A 684 2.77 -28.21 13.12
C LEU A 684 3.17 -29.41 12.28
N CYS A 685 3.62 -30.44 12.96
CA CYS A 685 4.00 -31.67 12.30
C CYS A 685 2.90 -32.69 12.45
N PHE A 686 2.50 -33.22 11.31
CA PHE A 686 1.41 -34.15 11.27
C PHE A 686 1.88 -35.50 10.75
N ASP A 687 0.96 -36.46 10.88
CA ASP A 687 1.12 -37.86 10.41
C ASP A 687 0.48 -38.07 9.03
N ARG A 688 -0.45 -37.17 8.64
CA ARG A 688 -0.93 -37.13 7.27
C ARG A 688 -1.35 -35.75 6.78
N VAL A 689 -1.11 -35.54 5.49
CA VAL A 689 -1.56 -34.33 4.77
C VAL A 689 -3.08 -34.24 4.71
N PHE A 690 -3.67 -33.29 5.43
CA PHE A 690 -5.10 -33.06 5.32
C PHE A 690 -5.45 -31.75 4.62
N TRP A 691 -4.57 -31.24 3.79
CA TRP A 691 -4.76 -29.89 3.25
C TRP A 691 -4.57 -30.04 1.79
N ASP A 692 -4.77 -28.97 1.05
CA ASP A 692 -4.57 -29.10 -0.37
C ASP A 692 -3.07 -29.09 -0.71
N PRO A 693 -2.58 -30.18 -1.29
CA PRO A 693 -1.19 -30.25 -1.68
C PRO A 693 -0.80 -29.43 -2.87
N SER A 694 -1.75 -28.96 -3.67
CA SER A 694 -1.37 -28.09 -4.79
C SER A 694 -1.28 -26.63 -4.33
N VAL A 695 -1.68 -26.35 -3.10
CA VAL A 695 -1.54 -25.05 -2.54
C VAL A 695 -0.41 -25.01 -1.46
N ASN A 696 0.58 -24.13 -1.67
CA ASN A 696 1.72 -23.95 -0.75
C ASN A 696 1.35 -23.20 0.50
N LEU A 697 0.60 -22.12 0.31
CA LEU A 697 0.18 -21.29 1.41
C LEU A 697 -1.28 -20.90 1.32
N PHE A 698 -1.88 -20.65 2.49
CA PHE A 698 -3.26 -20.23 2.58
C PHE A 698 -3.55 -19.46 3.85
N GLY A 699 -4.41 -18.46 3.73
CA GLY A 699 -4.56 -17.46 4.79
C GLY A 699 -5.78 -17.71 5.64
N HIS A 700 -5.74 -17.27 6.90
CA HIS A 700 -6.92 -17.23 7.77
C HIS A 700 -7.23 -15.81 8.12
N VAL A 701 -8.50 -15.44 8.06
CA VAL A 701 -8.84 -14.07 8.32
C VAL A 701 -9.24 -13.94 9.75
N GLY A 702 -8.75 -12.92 10.42
CA GLY A 702 -8.93 -12.82 11.84
C GLY A 702 -10.23 -12.12 12.04
N SER A 703 -10.77 -12.26 13.24
CA SER A 703 -11.99 -11.57 13.68
C SER A 703 -11.84 -10.06 13.81
N THR A 704 -10.71 -9.60 14.33
CA THR A 704 -10.53 -8.20 14.62
C THR A 704 -9.32 -7.64 13.93
N THR A 705 -9.26 -6.31 13.87
CA THR A 705 -8.07 -5.57 13.46
C THR A 705 -6.92 -5.86 14.43
N ALA A 706 -7.22 -5.72 15.71
CA ALA A 706 -6.21 -5.86 16.75
C ALA A 706 -5.63 -7.20 16.78
N SER A 707 -6.19 -8.18 16.09
CA SER A 707 -5.57 -9.51 16.11
C SER A 707 -5.42 -10.15 14.71
N ARG A 708 -5.20 -9.30 13.70
CA ARG A 708 -4.92 -9.79 12.34
C ARG A 708 -3.60 -10.50 12.24
N GLY A 709 -2.75 -10.30 13.24
CA GLY A 709 -1.52 -11.07 13.31
C GLY A 709 -1.72 -12.57 13.53
N GLU A 710 -2.57 -12.94 14.50
CA GLU A 710 -2.61 -14.30 15.07
C GLU A 710 -2.92 -15.27 13.98
N LEU A 711 -1.96 -16.12 13.72
CA LEU A 711 -2.17 -17.28 12.93
C LEU A 711 -2.82 -16.96 11.59
N PHE A 712 -2.40 -15.89 10.96
CA PHE A 712 -3.07 -15.39 9.79
C PHE A 712 -2.64 -16.02 8.50
N LEU A 713 -1.71 -16.97 8.54
CA LEU A 713 -1.20 -17.53 7.29
C LEU A 713 -0.61 -18.88 7.58
N PHE A 714 -0.73 -19.81 6.64
CA PHE A 714 -0.17 -21.15 6.85
C PHE A 714 0.63 -21.54 5.61
N TRP A 715 1.85 -22.06 5.80
CA TRP A 715 2.63 -22.55 4.66
C TRP A 715 2.69 -24.04 4.74
N ASN A 716 2.60 -24.66 3.56
CA ASN A 716 2.83 -26.08 3.34
C ASN A 716 3.94 -26.19 2.33
N LEU A 717 5.17 -26.36 2.83
CA LEU A 717 6.34 -26.23 1.94
C LEU A 717 7.30 -27.38 1.96
N TYR A 718 7.10 -28.31 2.88
CA TYR A 718 8.09 -29.33 3.10
C TYR A 718 7.57 -30.68 2.59
N LYS A 719 8.50 -31.62 2.40
CA LYS A 719 8.18 -32.96 1.89
C LYS A 719 7.24 -33.60 2.90
N ALA A 720 7.72 -33.73 4.13
CA ALA A 720 6.91 -34.27 5.23
C ALA A 720 5.63 -33.44 5.48
N PRO A 721 4.66 -34.03 6.17
CA PRO A 721 3.39 -33.37 6.40
C PRO A 721 3.46 -32.34 7.52
N ILE A 722 3.96 -31.15 7.15
CA ILE A 722 4.16 -30.04 8.10
C ILE A 722 3.42 -28.79 7.67
N LEU A 723 2.69 -28.22 8.61
CA LEU A 723 2.05 -26.92 8.40
C LEU A 723 2.69 -25.92 9.32
N LEU A 724 2.93 -24.73 8.76
CA LEU A 724 3.66 -23.71 9.45
C LEU A 724 2.79 -22.49 9.56
N ALA A 725 2.70 -21.93 10.76
CA ALA A 725 1.76 -20.85 10.95
C ALA A 725 2.38 -19.61 11.54
N LEU A 726 2.14 -18.48 10.89
CA LEU A 726 2.80 -17.26 11.27
C LEU A 726 2.01 -16.42 12.20
N VAL A 727 2.67 -15.89 13.23
CA VAL A 727 2.10 -14.80 13.99
C VAL A 727 2.74 -13.49 13.62
N ALA A 728 2.03 -12.59 12.99
CA ALA A 728 2.65 -11.29 12.65
C ALA A 728 2.25 -10.16 13.55
N GLY A 729 2.64 -8.96 13.16
CA GLY A 729 2.05 -7.74 13.66
C GLY A 729 2.14 -7.53 15.14
N GLU A 730 1.15 -6.79 15.68
CA GLU A 730 1.07 -6.51 17.11
C GLU A 730 0.86 -7.82 17.88
N ALA A 731 0.41 -8.87 17.18
CA ALA A 731 0.18 -10.18 17.78
C ALA A 731 1.42 -10.88 18.24
N ALA A 732 2.47 -10.88 17.41
CA ALA A 732 3.69 -11.67 17.67
C ALA A 732 4.23 -11.35 19.03
N GLY A 733 4.27 -10.04 19.29
CA GLY A 733 4.57 -9.49 20.61
C GLY A 733 3.86 -10.12 21.81
N ILE A 734 2.57 -10.27 21.72
CA ILE A 734 1.72 -10.68 22.83
C ILE A 734 1.65 -12.18 22.97
N MET A 735 1.64 -12.84 21.83
CA MET A 735 1.56 -14.27 21.78
C MET A 735 2.78 -14.89 22.40
N GLU A 736 3.84 -14.08 22.55
CA GLU A 736 5.08 -14.61 23.12
C GLU A 736 4.82 -14.97 24.56
N ASN A 737 3.82 -14.32 25.16
CA ASN A 737 3.37 -14.60 26.52
C ASN A 737 2.25 -15.61 26.74
N ILE A 738 2.19 -16.62 25.89
CA ILE A 738 1.12 -17.56 25.95
C ILE A 738 1.67 -18.93 25.73
N SER A 739 1.29 -19.88 26.59
CA SER A 739 1.78 -21.26 26.54
C SER A 739 1.68 -21.85 25.13
N ASP A 740 2.57 -22.79 24.82
CA ASP A 740 2.59 -23.35 23.46
C ASP A 740 1.27 -24.06 23.16
N ASP A 741 0.87 -24.89 24.12
CA ASP A 741 -0.34 -25.69 24.01
C ASP A 741 -1.51 -24.85 23.57
N VAL A 742 -1.74 -23.75 24.29
CA VAL A 742 -2.76 -22.81 23.91
C VAL A 742 -2.68 -22.39 22.45
N ILE A 743 -1.47 -21.99 22.07
CA ILE A 743 -1.22 -21.50 20.73
C ILE A 743 -1.54 -22.59 19.73
N VAL A 744 -1.07 -23.80 20.02
CA VAL A 744 -1.30 -24.93 19.11
C VAL A 744 -2.80 -25.24 19.07
N GLY A 745 -3.47 -25.16 20.23
CA GLY A 745 -4.92 -25.20 20.28
C GLY A 745 -5.53 -24.25 19.26
N ARG A 746 -5.33 -22.97 19.49
CA ARG A 746 -5.81 -21.96 18.57
C ARG A 746 -5.57 -22.32 17.09
N CYS A 747 -4.52 -23.07 16.78
CA CYS A 747 -4.22 -23.43 15.38
C CYS A 747 -5.15 -24.51 14.86
N LEU A 748 -5.28 -25.53 15.68
CA LEU A 748 -6.11 -26.66 15.34
C LEU A 748 -7.51 -26.11 15.14
N ALA A 749 -8.02 -25.38 16.13
CA ALA A 749 -9.25 -24.56 15.94
C ALA A 749 -9.31 -24.03 14.51
N ILE A 750 -8.47 -23.05 14.20
CA ILE A 750 -8.45 -22.44 12.89
C ILE A 750 -8.55 -23.51 11.79
N LEU A 751 -7.71 -24.52 11.87
CA LEU A 751 -7.68 -25.55 10.83
C LEU A 751 -8.88 -26.52 10.78
N LYS A 752 -9.44 -26.83 11.94
CA LYS A 752 -10.68 -27.60 12.03
C LYS A 752 -11.78 -26.84 11.30
N GLY A 753 -11.92 -25.57 11.65
CA GLY A 753 -12.79 -24.65 10.95
C GLY A 753 -12.63 -24.62 9.44
N ILE A 754 -11.43 -24.90 8.94
CA ILE A 754 -11.23 -24.84 7.52
C ILE A 754 -11.49 -26.17 6.88
N PHE A 755 -11.20 -27.27 7.57
CA PHE A 755 -11.17 -28.61 6.93
C PHE A 755 -12.03 -29.68 7.62
N GLY A 756 -12.66 -29.32 8.74
CA GLY A 756 -13.52 -30.22 9.48
C GLY A 756 -12.82 -31.06 10.54
N SER A 757 -13.45 -31.11 11.72
CA SER A 757 -12.95 -31.78 12.94
C SER A 757 -12.44 -33.21 12.78
N SER A 758 -13.06 -33.99 11.90
CA SER A 758 -12.58 -35.34 11.63
C SER A 758 -11.23 -35.37 10.88
N ALA A 759 -10.91 -34.28 10.16
CA ALA A 759 -9.71 -34.20 9.31
C ALA A 759 -8.42 -33.60 9.98
N VAL A 760 -8.53 -33.07 11.20
CA VAL A 760 -7.44 -32.35 11.89
C VAL A 760 -6.97 -33.18 13.09
N PRO A 761 -6.01 -34.11 12.85
CA PRO A 761 -5.49 -34.92 13.98
C PRO A 761 -4.84 -34.03 15.03
N GLN A 762 -4.48 -34.55 16.19
CA GLN A 762 -3.46 -33.85 16.97
C GLN A 762 -2.12 -33.85 16.19
N PRO A 763 -1.27 -32.86 16.50
CA PRO A 763 0.03 -32.81 15.84
C PRO A 763 0.99 -33.75 16.54
N LYS A 764 1.82 -34.45 15.78
CA LYS A 764 2.78 -35.38 16.40
C LYS A 764 3.82 -34.60 17.21
N GLU A 765 4.26 -33.47 16.61
CA GLU A 765 5.36 -32.61 17.10
C GLU A 765 5.06 -31.10 16.90
N THR A 766 5.22 -30.30 17.95
CA THR A 766 5.14 -28.85 17.77
C THR A 766 6.26 -28.04 18.41
N VAL A 767 6.73 -27.05 17.63
CA VAL A 767 7.70 -26.04 18.05
C VAL A 767 7.13 -24.66 17.82
N VAL A 768 7.48 -23.74 18.71
CA VAL A 768 6.98 -22.37 18.60
C VAL A 768 8.05 -21.31 18.90
N SER A 769 8.46 -20.55 17.91
CA SER A 769 9.44 -19.49 18.12
C SER A 769 8.99 -18.36 19.08
N ARG A 770 9.95 -17.79 19.79
CA ARG A 770 9.76 -16.54 20.52
C ARG A 770 11.05 -15.73 20.39
N TRP A 771 11.20 -15.08 19.24
CA TRP A 771 12.39 -14.36 18.85
C TRP A 771 12.64 -13.15 19.73
N ARG A 772 11.62 -12.34 19.99
CA ARG A 772 11.87 -11.17 20.82
C ARG A 772 12.36 -11.61 22.21
N ALA A 773 11.90 -12.75 22.69
CA ALA A 773 12.36 -13.21 23.96
C ALA A 773 13.81 -13.73 23.94
N ASP A 774 14.22 -14.24 22.80
CA ASP A 774 15.47 -14.92 22.65
C ASP A 774 16.58 -13.97 22.88
N PRO A 775 17.36 -14.18 23.93
CA PRO A 775 18.34 -13.17 24.28
C PRO A 775 19.52 -12.95 23.29
N TRP A 776 19.75 -13.86 22.34
CA TRP A 776 20.78 -13.66 21.31
C TRP A 776 20.26 -13.13 19.94
N ALA A 777 19.19 -12.35 20.05
CA ALA A 777 18.41 -11.91 18.90
C ALA A 777 17.51 -10.81 19.36
N ARG A 778 16.75 -11.04 20.41
CA ARG A 778 16.00 -9.96 21.01
C ARG A 778 15.09 -9.32 19.96
N GLY A 779 14.61 -10.17 19.04
CA GLY A 779 13.80 -9.75 17.91
C GLY A 779 14.08 -10.53 16.63
N SER A 780 13.54 -10.08 15.50
CA SER A 780 13.55 -10.88 14.31
C SER A 780 14.36 -10.25 13.19
N TYR A 781 14.00 -9.08 12.72
CA TYR A 781 14.91 -8.32 11.86
C TYR A 781 14.63 -6.81 11.79
N SER A 782 15.57 -6.06 11.25
CA SER A 782 15.43 -4.63 11.26
C SER A 782 14.22 -4.18 10.41
N TYR A 783 13.80 -2.93 10.66
CA TYR A 783 12.76 -2.27 9.87
C TYR A 783 13.02 -0.80 9.92
N VAL A 784 12.40 -0.07 9.00
CA VAL A 784 12.72 1.36 8.92
C VAL A 784 11.73 2.09 9.79
N ALA A 785 12.12 2.32 11.02
CA ALA A 785 11.24 2.93 11.95
C ALA A 785 10.90 4.24 11.39
N ALA A 786 9.73 4.76 11.76
CA ALA A 786 9.43 6.15 11.51
C ALA A 786 10.39 6.99 12.35
N GLY A 787 10.94 8.04 11.74
CA GLY A 787 11.99 8.83 12.35
C GLY A 787 13.40 8.44 11.95
N SER A 788 13.55 7.31 11.27
CA SER A 788 14.84 6.79 10.75
C SER A 788 14.81 6.91 9.24
N SER A 789 15.89 6.53 8.60
CA SER A 789 16.12 6.71 7.17
C SER A 789 17.04 5.61 6.82
N GLY A 790 17.34 5.48 5.55
CA GLY A 790 18.23 4.39 5.14
C GLY A 790 19.61 4.75 5.61
N ASN A 791 19.77 6.04 5.85
CA ASN A 791 20.98 6.51 6.42
C ASN A 791 21.49 5.82 7.67
N ASP A 792 20.59 5.44 8.56
CA ASP A 792 20.99 4.94 9.82
C ASP A 792 21.71 3.65 9.59
N TYR A 793 21.30 2.95 8.55
CA TYR A 793 21.92 1.67 8.19
C TYR A 793 23.39 1.86 7.83
N ASP A 794 23.69 2.99 7.22
CA ASP A 794 25.03 3.34 6.89
C ASP A 794 25.81 3.68 8.12
N LEU A 795 25.31 4.60 8.92
CA LEU A 795 25.86 4.75 10.28
C LEU A 795 26.16 3.42 11.00
N MET A 796 25.28 2.44 10.93
CA MET A 796 25.61 1.15 11.52
C MET A 796 26.86 0.47 11.00
N ALA A 797 27.21 0.68 9.73
CA ALA A 797 28.37 0.00 9.18
C ALA A 797 29.73 0.74 9.40
N GLN A 798 29.67 2.05 9.69
CA GLN A 798 30.87 2.84 10.00
C GLN A 798 31.63 2.29 11.19
N PRO A 799 32.88 1.84 10.98
CA PRO A 799 33.72 1.33 12.06
C PRO A 799 34.12 2.39 13.05
N ILE A 800 34.59 1.94 14.23
CA ILE A 800 34.94 2.83 15.32
C ILE A 800 36.46 2.91 15.55
N THR A 801 36.92 4.15 15.73
CA THR A 801 38.35 4.39 15.84
C THR A 801 38.65 4.98 17.20
N PRO A 802 39.32 4.22 18.04
CA PRO A 802 39.68 4.63 19.38
C PRO A 802 40.58 5.82 19.38
N GLY A 803 40.42 6.71 20.35
CA GLY A 803 41.37 7.83 20.53
C GLY A 803 42.79 7.35 20.84
N PRO A 804 43.74 8.28 20.86
CA PRO A 804 45.14 7.90 20.98
C PRO A 804 45.47 7.40 22.40
N SER A 805 46.44 6.49 22.52
CA SER A 805 46.93 6.03 23.85
C SER A 805 47.52 7.21 24.64
N ILE A 806 48.71 7.61 24.26
CA ILE A 806 49.43 8.74 24.84
C ILE A 806 48.81 9.92 24.16
N PRO A 807 48.50 11.01 24.88
CA PRO A 807 47.95 12.13 24.10
C PRO A 807 49.05 12.77 23.23
N GLY A 808 48.62 13.42 22.14
CA GLY A 808 49.56 13.95 21.15
C GLY A 808 50.08 12.92 20.17
N ALA A 809 49.87 11.63 20.45
CA ALA A 809 50.16 10.58 19.49
C ALA A 809 49.16 10.61 18.37
N PRO A 810 49.56 10.07 17.22
CA PRO A 810 48.81 10.34 16.04
C PRO A 810 47.59 9.44 15.92
N GLN A 811 46.71 9.78 14.98
CA GLN A 811 45.42 9.08 14.80
C GLN A 811 45.52 7.59 14.48
N PRO A 812 44.84 6.77 15.31
CA PRO A 812 45.01 5.35 15.02
C PRO A 812 44.21 4.83 13.81
N ILE A 813 44.32 3.53 13.67
CA ILE A 813 43.63 2.74 12.75
C ILE A 813 42.25 2.56 13.40
N PRO A 814 41.22 2.36 12.61
CA PRO A 814 40.01 1.76 13.02
C PRO A 814 40.18 0.37 13.57
N ARG A 815 39.48 0.11 14.68
CA ARG A 815 39.63 -1.10 15.47
C ARG A 815 38.39 -1.97 15.60
N LEU A 816 37.23 -1.32 15.71
CA LEU A 816 35.93 -1.98 15.92
C LEU A 816 35.08 -1.79 14.70
N PHE A 817 34.61 -2.92 14.15
CA PHE A 817 33.90 -2.99 12.87
C PHE A 817 32.51 -3.65 13.01
N PHE A 818 31.58 -3.24 12.16
CA PHE A 818 30.20 -3.70 12.30
C PHE A 818 29.67 -4.35 11.06
N ALA A 819 29.14 -5.54 11.17
CA ALA A 819 28.40 -6.14 10.06
C ALA A 819 27.11 -6.73 10.54
N GLY A 820 26.31 -7.18 9.59
CA GLY A 820 25.04 -7.76 9.92
C GLY A 820 23.93 -7.10 9.15
N GLU A 821 22.81 -7.80 9.18
CA GLU A 821 21.64 -7.44 8.44
C GLU A 821 21.19 -5.99 8.58
N HIS A 822 21.38 -5.39 9.76
CA HIS A 822 21.11 -3.95 10.04
C HIS A 822 22.18 -3.00 9.55
N THR A 823 23.23 -3.50 8.91
CA THR A 823 24.32 -2.63 8.47
C THR A 823 24.25 -2.35 6.97
N ILE A 824 23.33 -2.99 6.28
CA ILE A 824 23.39 -2.97 4.85
C ILE A 824 22.13 -2.36 4.26
N ARG A 825 22.23 -1.07 3.98
CA ARG A 825 21.10 -0.23 3.51
C ARG A 825 20.25 -0.79 2.40
N ASN A 826 20.85 -1.38 1.39
CA ASN A 826 20.03 -1.83 0.27
C ASN A 826 19.52 -3.24 0.33
N TYR A 827 19.96 -4.02 1.30
CA TYR A 827 19.52 -5.43 1.45
C TYR A 827 19.37 -5.82 2.90
N PRO A 828 18.74 -4.95 3.71
CA PRO A 828 18.48 -5.18 5.11
C PRO A 828 17.55 -6.28 5.32
N ALA A 829 17.40 -6.62 6.57
CA ALA A 829 16.67 -7.77 6.98
C ALA A 829 16.62 -9.00 6.07
N THR A 830 17.74 -9.42 5.51
CA THR A 830 17.72 -10.67 4.78
C THR A 830 18.95 -11.45 5.09
N VAL A 831 19.03 -12.65 4.51
CA VAL A 831 20.20 -13.46 4.60
C VAL A 831 21.24 -12.96 3.62
N HIS A 832 20.86 -12.81 2.39
CA HIS A 832 21.81 -12.39 1.42
C HIS A 832 22.39 -11.09 1.90
N GLY A 833 21.56 -10.23 2.46
CA GLY A 833 22.02 -8.91 2.85
C GLY A 833 22.98 -8.97 4.00
N ALA A 834 22.76 -9.89 4.92
CA ALA A 834 23.76 -10.10 5.94
C ALA A 834 25.05 -10.57 5.32
N LEU A 835 24.97 -11.71 4.66
CA LEU A 835 26.05 -12.28 3.86
C LEU A 835 26.83 -11.26 3.11
N LEU A 836 26.19 -10.37 2.41
CA LEU A 836 26.92 -9.26 1.79
C LEU A 836 27.60 -8.35 2.81
N SER A 837 26.93 -7.99 3.90
CA SER A 837 27.54 -7.05 4.83
C SER A 837 28.83 -7.64 5.34
N GLY A 838 28.83 -8.95 5.50
CA GLY A 838 30.01 -9.67 5.96
C GLY A 838 31.13 -9.60 4.96
N LEU A 839 30.78 -9.71 3.70
CA LEU A 839 31.77 -9.65 2.66
C LEU A 839 32.42 -8.28 2.71
N ARG A 840 31.56 -7.28 2.85
CA ARG A 840 31.95 -5.90 2.87
C ARG A 840 33.01 -5.70 3.95
N GLU A 841 32.70 -6.08 5.20
CA GLU A 841 33.62 -5.70 6.25
C GLU A 841 34.91 -6.46 6.11
N ALA A 842 34.88 -7.68 5.62
CA ALA A 842 36.15 -8.38 5.41
C ALA A 842 37.00 -7.56 4.47
N GLY A 843 36.45 -7.18 3.35
CA GLY A 843 37.17 -6.30 2.45
C GLY A 843 37.81 -5.16 3.19
N ARG A 844 37.02 -4.48 4.01
CA ARG A 844 37.46 -3.21 4.57
C ARG A 844 38.55 -3.43 5.60
N ILE A 845 38.41 -4.47 6.38
CA ILE A 845 39.38 -4.86 7.39
C ILE A 845 40.69 -5.29 6.76
N ALA A 846 40.67 -6.10 5.72
CA ALA A 846 41.90 -6.47 5.03
C ALA A 846 42.55 -5.24 4.41
N ASP A 847 41.81 -4.42 3.70
CA ASP A 847 42.42 -3.18 3.22
C ASP A 847 43.16 -2.52 4.37
N GLN A 848 42.58 -2.49 5.54
CA GLN A 848 43.24 -1.84 6.64
C GLN A 848 44.53 -2.49 7.13
N PHE A 849 44.54 -3.80 7.25
CA PHE A 849 45.52 -4.53 8.05
C PHE A 849 46.51 -5.28 7.21
N LEU A 850 46.13 -5.50 5.96
CA LEU A 850 47.00 -6.14 5.03
C LEU A 850 47.34 -5.18 3.94
N GLY A 851 46.87 -3.94 4.03
CA GLY A 851 47.00 -2.99 2.92
C GLY A 851 46.44 -3.47 1.57
N ALA A 852 46.31 -2.53 0.64
CA ALA A 852 45.62 -2.80 -0.61
C ALA A 852 46.45 -2.40 -1.83
N MET A 853 47.10 -3.39 -2.44
CA MET A 853 48.06 -3.09 -3.50
C MET A 853 47.37 -2.50 -4.77
N TYR A 854 46.17 -2.99 -5.09
CA TYR A 854 45.33 -2.60 -6.28
C TYR A 854 44.89 -1.10 -6.55
N THR A 855 45.36 -0.15 -5.75
CA THR A 855 44.86 1.24 -5.83
C THR A 855 45.76 2.21 -6.65
N LEU A 856 46.92 1.73 -7.12
CA LEU A 856 47.92 2.59 -7.78
C LEU A 856 47.81 2.51 -9.32
N CYS B 273 2.25 10.54 -9.46
CA CYS B 273 1.91 11.94 -9.91
C CYS B 273 0.53 12.42 -9.40
N ARG B 274 -0.49 11.57 -9.63
CA ARG B 274 -1.85 11.81 -9.15
C ARG B 274 -2.36 10.56 -8.38
N PRO B 275 -3.27 10.76 -7.43
CA PRO B 275 -3.76 9.62 -6.66
C PRO B 275 -4.41 8.61 -7.58
N PRO B 276 -4.29 7.31 -7.29
CA PRO B 276 -4.97 6.31 -8.16
C PRO B 276 -6.41 6.71 -8.41
N LYS B 277 -7.01 6.24 -9.49
CA LYS B 277 -8.32 6.73 -9.89
C LYS B 277 -9.36 6.34 -8.85
N GLY B 278 -10.25 7.28 -8.49
CA GLY B 278 -11.30 7.01 -7.48
C GLY B 278 -10.86 7.08 -6.03
N MET B 279 -9.56 7.26 -5.80
CA MET B 279 -9.06 7.64 -4.49
C MET B 279 -9.10 9.17 -4.46
N TYR B 280 -9.51 9.75 -3.33
CA TYR B 280 -9.67 11.20 -3.23
C TYR B 280 -8.93 11.69 -2.02
N LEU B 281 -8.07 12.69 -2.23
CA LEU B 281 -7.23 13.24 -1.15
C LEU B 281 -6.76 14.63 -1.50
N THR B 282 -7.07 15.59 -0.63
CA THR B 282 -6.65 16.97 -0.87
C THR B 282 -5.83 17.42 0.27
N GLN B 283 -5.01 18.42 -0.01
CA GLN B 283 -4.28 19.07 1.05
C GLN B 283 -5.23 19.43 2.20
N GLU B 284 -6.29 20.18 1.88
CA GLU B 284 -7.28 20.62 2.87
C GLU B 284 -7.92 19.46 3.68
N ASP B 285 -8.29 18.37 3.00
CA ASP B 285 -8.96 17.21 3.63
C ASP B 285 -8.02 16.43 4.53
N VAL B 286 -6.76 16.35 4.11
CA VAL B 286 -5.74 15.67 4.89
C VAL B 286 -5.44 16.47 6.12
N VAL B 287 -5.19 17.76 5.91
CA VAL B 287 -5.03 18.70 7.02
C VAL B 287 -6.26 18.64 7.93
N ALA B 288 -7.44 18.63 7.33
CA ALA B 288 -8.68 18.58 8.06
C ALA B 288 -8.78 17.39 9.00
N VAL B 289 -8.53 16.20 8.48
CA VAL B 289 -8.68 15.00 9.30
C VAL B 289 -7.60 14.86 10.39
N SER B 290 -6.44 15.45 10.15
CA SER B 290 -5.27 15.29 11.01
C SER B 290 -5.22 16.25 12.23
N CYS B 291 -5.58 17.53 12.06
CA CYS B 291 -5.66 18.56 13.13
C CYS B 291 -5.67 18.08 14.57
N SER B 292 -6.62 17.18 14.89
CA SER B 292 -6.84 16.66 16.25
C SER B 292 -6.93 15.13 16.18
N PRO B 293 -6.76 14.43 17.32
CA PRO B 293 -6.92 12.95 17.27
C PRO B 293 -8.29 12.50 16.78
N ASN B 294 -9.31 13.26 17.18
CA ASN B 294 -10.72 12.92 16.96
C ASN B 294 -11.36 13.59 15.75
N ALA B 295 -10.75 14.67 15.25
CA ALA B 295 -11.26 15.40 14.07
C ALA B 295 -11.79 14.45 13.02
N ALA B 296 -11.19 13.27 12.92
CA ALA B 296 -11.64 12.21 12.04
C ALA B 296 -13.08 11.83 12.31
N ASN B 297 -13.37 11.39 13.55
CA ASN B 297 -14.73 11.00 13.97
C ASN B 297 -15.76 12.10 13.88
N THR B 298 -15.45 13.21 14.54
CA THR B 298 -16.19 14.45 14.37
C THR B 298 -16.68 14.66 12.93
N ILE B 299 -15.76 14.95 12.02
CA ILE B 299 -16.10 15.20 10.63
C ILE B 299 -17.04 14.11 10.12
N LEU B 300 -16.69 12.84 10.28
CA LEU B 300 -17.54 11.75 9.75
C LEU B 300 -18.90 11.60 10.42
N ARG B 301 -19.03 12.05 11.67
CA ARG B 301 -20.35 12.09 12.30
C ARG B 301 -21.24 13.15 11.66
N GLN B 302 -20.77 14.39 11.55
CA GLN B 302 -21.57 15.47 10.89
C GLN B 302 -22.16 15.00 9.59
N LEU B 303 -21.32 14.36 8.77
CA LEU B 303 -21.76 13.79 7.51
C LEU B 303 -22.82 12.72 7.77
N ASP B 304 -22.64 11.92 8.81
CA ASP B 304 -23.67 10.94 9.16
C ASP B 304 -24.96 11.57 9.66
N MET B 305 -24.87 12.62 10.50
CA MET B 305 -26.06 13.36 10.98
C MET B 305 -26.69 14.02 9.78
N GLU B 306 -25.93 14.86 9.10
CA GLU B 306 -26.44 15.54 7.93
C GLU B 306 -27.07 14.62 6.89
N LEU B 307 -26.71 13.34 6.85
CA LEU B 307 -27.41 12.44 5.94
C LEU B 307 -28.80 12.16 6.45
N ILE B 308 -28.93 11.67 7.69
CA ILE B 308 -30.27 11.34 8.20
C ILE B 308 -31.20 12.56 8.17
N SER B 309 -30.70 13.71 8.59
CA SER B 309 -31.43 14.97 8.43
C SER B 309 -31.93 15.30 6.98
N LEU B 310 -31.30 14.77 5.93
CA LEU B 310 -31.89 14.86 4.58
C LEU B 310 -32.79 13.67 4.23
N LYS B 311 -32.58 12.53 4.86
CA LYS B 311 -33.37 11.36 4.54
C LYS B 311 -34.75 11.57 5.09
N ARG B 312 -34.81 12.07 6.33
CA ARG B 312 -36.08 12.43 6.95
C ARG B 312 -36.74 13.51 6.09
N GLN B 313 -35.97 14.52 5.71
CA GLN B 313 -36.52 15.64 4.97
C GLN B 313 -37.15 15.22 3.65
N VAL B 314 -36.60 14.19 3.01
CA VAL B 314 -37.23 13.58 1.85
C VAL B 314 -38.49 12.85 2.21
N GLN B 315 -38.46 12.09 3.30
CA GLN B 315 -39.68 11.46 3.84
C GLN B 315 -40.90 12.40 3.95
N ASN B 316 -40.71 13.57 4.57
CA ASN B 316 -41.75 14.59 4.62
C ASN B 316 -42.23 14.90 3.25
N ALA B 317 -41.42 15.62 2.49
CA ALA B 317 -41.89 16.11 1.19
C ALA B 317 -42.51 15.01 0.31
N LYS B 318 -42.27 13.74 0.63
CA LYS B 318 -42.93 12.68 -0.10
C LYS B 318 -44.40 12.72 0.23
N GLN B 319 -44.69 12.60 1.53
CA GLN B 319 -46.05 12.65 2.09
C GLN B 319 -46.78 13.93 1.67
N VAL B 320 -46.12 15.04 1.94
CA VAL B 320 -46.60 16.33 1.53
C VAL B 320 -46.97 16.40 0.07
N ASN B 321 -46.15 15.83 -0.80
CA ASN B 321 -46.41 15.87 -2.25
C ASN B 321 -47.52 14.89 -2.56
N SER B 322 -47.57 13.79 -1.82
CA SER B 322 -48.62 12.80 -2.00
C SER B 322 -50.00 13.35 -1.54
N ALA B 323 -49.99 14.25 -0.57
CA ALA B 323 -51.21 14.95 -0.13
C ALA B 323 -51.83 15.79 -1.25
N LEU B 324 -50.99 16.58 -1.90
CA LEU B 324 -51.44 17.43 -2.98
C LEU B 324 -51.75 16.61 -4.20
N LYS B 325 -51.28 15.38 -4.27
CA LYS B 325 -51.60 14.54 -5.42
C LYS B 325 -52.99 13.98 -5.25
N GLN B 326 -53.40 13.78 -4.00
CA GLN B 326 -54.76 13.35 -3.68
C GLN B 326 -55.78 14.43 -3.96
N LYS B 327 -55.39 15.69 -3.73
CA LYS B 327 -56.22 16.83 -4.12
C LYS B 327 -56.41 17.01 -5.64
N MET B 328 -55.49 16.56 -6.46
CA MET B 328 -55.69 16.69 -7.90
C MET B 328 -56.40 15.47 -8.48
N GLU B 329 -56.94 14.61 -7.63
CA GLU B 329 -57.59 13.40 -8.09
C GLU B 329 -58.65 13.76 -9.14
N GLY B 330 -58.86 12.85 -10.07
CA GLY B 330 -59.84 13.06 -11.14
C GLY B 330 -59.27 13.80 -12.34
N GLY B 331 -58.56 14.90 -12.11
CA GLY B 331 -58.02 15.69 -13.21
C GLY B 331 -59.05 16.69 -13.69
N ILE B 332 -58.75 17.39 -14.77
CA ILE B 332 -59.65 18.41 -15.25
C ILE B 332 -60.48 18.01 -16.46
N GLU B 333 -60.75 16.72 -16.65
CA GLU B 333 -61.46 16.29 -17.88
C GLU B 333 -62.91 16.73 -17.78
N GLU B 334 -63.51 16.50 -16.61
CA GLU B 334 -64.89 16.90 -16.38
C GLU B 334 -65.13 18.40 -16.55
N PHE B 335 -64.07 19.21 -16.57
CA PHE B 335 -64.19 20.69 -16.82
C PHE B 335 -63.78 21.16 -18.23
N LYS B 336 -63.59 20.23 -19.15
CA LYS B 336 -63.14 20.62 -20.47
C LYS B 336 -64.35 20.98 -21.27
N PRO B 337 -64.44 22.25 -21.68
CA PRO B 337 -65.58 22.65 -22.51
C PRO B 337 -65.63 21.87 -23.82
N PRO B 338 -66.80 21.82 -24.47
CA PRO B 338 -66.87 21.21 -25.81
C PRO B 338 -66.09 22.06 -26.82
N GLU B 339 -65.45 21.45 -27.82
CA GLU B 339 -64.61 22.18 -28.79
C GLU B 339 -65.43 22.72 -29.97
N SER B 340 -65.07 23.90 -30.44
CA SER B 340 -65.72 24.49 -31.62
C SER B 340 -64.70 24.52 -32.72
N ASN B 341 -64.98 23.77 -33.80
CA ASN B 341 -64.06 23.64 -34.93
C ASN B 341 -64.62 24.32 -36.18
N GLN B 342 -65.23 25.49 -36.00
CA GLN B 342 -65.85 26.21 -37.12
C GLN B 342 -64.77 26.91 -37.98
N LYS B 343 -64.89 26.75 -39.30
CA LYS B 343 -63.86 27.19 -40.27
C LYS B 343 -63.68 28.69 -40.27
N ILE B 344 -62.47 29.13 -40.61
CA ILE B 344 -62.26 30.56 -40.81
C ILE B 344 -63.28 31.00 -41.87
N ASN B 345 -63.59 32.29 -41.87
CA ASN B 345 -64.37 32.94 -42.92
C ASN B 345 -64.12 34.42 -42.68
N ALA B 346 -63.48 35.09 -43.63
CA ALA B 346 -62.99 36.45 -43.39
C ALA B 346 -64.07 37.52 -43.53
N ARG B 347 -65.32 37.14 -43.85
CA ARG B 347 -66.46 38.08 -43.88
C ARG B 347 -66.87 38.48 -42.44
N TRP B 348 -66.63 39.75 -42.09
CA TRP B 348 -67.02 40.31 -40.80
C TRP B 348 -68.52 40.61 -40.70
N THR B 349 -69.26 39.76 -40.01
CA THR B 349 -70.58 40.16 -39.58
C THR B 349 -70.45 41.21 -38.48
N THR B 350 -71.51 41.98 -38.32
CA THR B 350 -71.52 43.07 -37.38
C THR B 350 -71.26 42.60 -35.95
N GLU B 351 -71.80 41.45 -35.59
CA GLU B 351 -71.59 40.98 -34.24
C GLU B 351 -70.11 40.56 -34.07
N GLU B 352 -69.51 39.99 -35.11
CA GLU B 352 -68.10 39.60 -35.05
C GLU B 352 -67.28 40.84 -34.74
N GLN B 353 -67.57 41.92 -35.45
CA GLN B 353 -66.92 43.19 -35.11
C GLN B 353 -67.10 43.56 -33.65
N LEU B 354 -68.29 43.29 -33.13
CA LEU B 354 -68.62 43.70 -31.78
C LEU B 354 -67.90 42.87 -30.79
N LEU B 355 -67.81 41.56 -31.07
CA LEU B 355 -67.05 40.62 -30.24
C LEU B 355 -65.58 41.07 -30.10
N ALA B 356 -65.03 41.39 -31.27
CA ALA B 356 -63.71 41.95 -31.39
C ALA B 356 -63.52 43.15 -30.49
N VAL B 357 -64.27 44.23 -30.73
CA VAL B 357 -64.14 45.42 -29.90
C VAL B 357 -64.13 45.08 -28.41
N GLN B 358 -64.95 44.11 -28.04
CA GLN B 358 -65.04 43.76 -26.64
C GLN B 358 -63.80 43.04 -26.17
N GLY B 359 -63.30 42.15 -27.04
CA GLY B 359 -62.00 41.47 -26.81
C GLY B 359 -60.85 42.44 -26.48
N VAL B 360 -60.72 43.47 -27.31
CA VAL B 360 -59.75 44.50 -27.07
C VAL B 360 -59.91 45.03 -25.65
N ARG B 361 -61.16 45.24 -25.23
CA ARG B 361 -61.40 45.76 -23.90
C ARG B 361 -60.96 44.77 -22.85
N LYS B 362 -60.96 43.49 -23.19
CA LYS B 362 -60.69 42.46 -22.23
C LYS B 362 -59.29 41.95 -22.32
N TYR B 363 -58.69 42.01 -23.50
CA TYR B 363 -57.41 41.34 -23.73
C TYR B 363 -56.22 42.23 -24.07
N GLY B 364 -56.48 43.48 -24.43
CA GLY B 364 -55.51 44.37 -25.05
C GLY B 364 -55.20 43.82 -26.42
N LYS B 365 -53.94 43.91 -26.83
CA LYS B 365 -53.50 43.44 -28.15
C LYS B 365 -53.25 41.91 -28.27
N ASP B 366 -53.66 41.12 -27.31
CA ASP B 366 -53.55 39.66 -27.46
C ASP B 366 -54.47 39.14 -28.59
N PHE B 367 -54.04 39.40 -29.83
CA PHE B 367 -54.87 39.09 -30.99
C PHE B 367 -55.09 37.60 -31.16
N GLN B 368 -54.37 36.78 -30.39
CA GLN B 368 -54.54 35.36 -30.54
C GLN B 368 -55.84 34.97 -29.85
N ALA B 369 -55.93 35.44 -28.60
CA ALA B 369 -57.07 35.22 -27.71
C ALA B 369 -58.31 35.77 -28.34
N ILE B 370 -58.21 37.02 -28.77
CA ILE B 370 -59.32 37.64 -29.45
C ILE B 370 -59.85 36.80 -30.61
N ALA B 371 -58.96 36.33 -31.47
CA ALA B 371 -59.38 35.44 -32.54
C ALA B 371 -59.96 34.14 -32.00
N ASP B 372 -59.44 33.66 -30.89
CA ASP B 372 -60.01 32.45 -30.29
C ASP B 372 -61.48 32.65 -29.90
N VAL B 373 -61.77 33.82 -29.34
CA VAL B 373 -63.12 34.20 -28.95
C VAL B 373 -64.02 34.25 -30.20
N ILE B 374 -63.64 35.06 -31.18
CA ILE B 374 -64.44 35.20 -32.40
C ILE B 374 -64.62 33.86 -33.10
N GLY B 375 -63.63 32.97 -33.01
CA GLY B 375 -63.79 31.55 -33.40
C GLY B 375 -63.49 31.21 -34.85
N ASN B 376 -63.90 32.07 -35.76
CA ASN B 376 -63.63 31.88 -37.17
C ASN B 376 -62.88 33.07 -37.74
N LYS B 377 -61.82 33.45 -37.05
CA LYS B 377 -60.94 34.46 -37.60
C LYS B 377 -59.53 34.18 -37.12
N THR B 378 -58.63 34.00 -38.09
CA THR B 378 -57.19 33.89 -37.89
C THR B 378 -56.61 35.11 -37.17
N VAL B 379 -55.31 35.20 -37.02
CA VAL B 379 -54.78 36.19 -36.10
C VAL B 379 -54.44 37.54 -36.75
N GLY B 380 -54.70 37.61 -38.06
CA GLY B 380 -54.22 38.70 -38.87
C GLY B 380 -55.35 39.63 -39.16
N GLN B 381 -56.31 39.17 -39.96
CA GLN B 381 -57.63 39.83 -40.11
C GLN B 381 -58.07 40.53 -38.81
N VAL B 382 -57.62 40.01 -37.66
CA VAL B 382 -57.78 40.69 -36.37
C VAL B 382 -56.90 41.96 -36.30
N LYS B 383 -55.59 41.83 -36.51
CA LYS B 383 -54.72 43.00 -36.64
C LYS B 383 -55.26 43.91 -37.75
N ASN B 384 -55.67 43.31 -38.85
CA ASN B 384 -56.27 44.07 -39.92
C ASN B 384 -57.37 44.89 -39.33
N PHE B 385 -58.40 44.18 -38.86
CA PHE B 385 -59.55 44.80 -38.24
C PHE B 385 -59.10 45.88 -37.28
N PHE B 386 -58.08 45.54 -36.49
CA PHE B 386 -57.59 46.48 -35.53
C PHE B 386 -57.30 47.80 -36.24
N VAL B 387 -56.53 47.77 -37.32
CA VAL B 387 -56.11 49.01 -37.96
C VAL B 387 -57.09 49.57 -38.99
N ASN B 388 -57.97 48.74 -39.54
CA ASN B 388 -59.05 49.28 -40.37
C ASN B 388 -60.04 50.16 -39.58
N TYR B 389 -60.57 49.60 -38.49
CA TYR B 389 -61.64 50.25 -37.74
C TYR B 389 -61.10 51.01 -36.54
N ARG B 390 -59.79 51.05 -36.35
CA ARG B 390 -59.21 51.66 -35.14
C ARG B 390 -59.70 53.09 -34.86
N ARG B 391 -60.24 53.72 -35.88
CA ARG B 391 -60.73 55.09 -35.75
C ARG B 391 -62.22 55.09 -35.35
N ARG B 392 -62.99 54.18 -35.96
CA ARG B 392 -64.46 54.17 -35.90
C ARG B 392 -65.01 53.49 -34.66
N PHE B 393 -64.15 52.72 -34.02
CA PHE B 393 -64.43 52.07 -32.77
C PHE B 393 -63.52 52.58 -31.68
N ASN B 394 -62.76 53.63 -31.96
CA ASN B 394 -61.80 54.17 -31.00
C ASN B 394 -60.98 53.12 -30.27
N LEU B 395 -60.44 52.17 -31.01
CA LEU B 395 -59.74 51.06 -30.40
C LEU B 395 -58.51 51.49 -29.63
N GLU B 396 -58.12 52.76 -29.78
CA GLU B 396 -57.11 53.38 -28.93
C GLU B 396 -57.71 53.65 -27.55
N GLU B 397 -58.94 54.15 -27.50
CA GLU B 397 -59.61 54.42 -26.24
C GLU B 397 -59.87 53.08 -25.58
N VAL B 398 -60.32 52.14 -26.37
CA VAL B 398 -60.59 50.82 -25.84
C VAL B 398 -59.31 50.20 -25.26
N LEU B 399 -58.16 50.43 -25.91
CA LEU B 399 -56.90 49.96 -25.33
C LEU B 399 -56.53 50.69 -24.07
N GLN B 400 -56.56 52.02 -24.08
CA GLN B 400 -56.23 52.82 -22.88
C GLN B 400 -57.02 52.36 -21.66
N GLU B 401 -58.27 51.95 -21.92
CA GLU B 401 -59.16 51.42 -20.87
C GLU B 401 -58.66 50.09 -20.33
N TRP B 402 -58.41 49.15 -21.24
CA TRP B 402 -57.84 47.83 -20.90
C TRP B 402 -56.55 47.99 -20.13
N GLU B 403 -55.72 48.93 -20.59
CA GLU B 403 -54.41 49.24 -19.99
C GLU B 403 -54.57 49.62 -18.54
N ALA B 404 -55.38 50.62 -18.23
CA ALA B 404 -55.52 51.08 -16.84
C ALA B 404 -56.05 49.97 -15.89
N GLU B 405 -55.46 48.76 -15.96
CA GLU B 405 -55.93 47.58 -15.23
C GLU B 405 -54.80 46.56 -15.00
#